data_1B3O
#
_entry.id   1B3O
#
_cell.length_a   142.260
_cell.length_b   142.260
_cell.length_c   174.940
_cell.angle_alpha   90.00
_cell.angle_beta   90.00
_cell.angle_gamma   90.00
#
_symmetry.space_group_name_H-M   'I 4'
#
loop_
_entity.id
_entity.type
_entity.pdbx_description
1 polymer 'PROTEIN (INOSINE MONOPHOSPHATE DEHYDROGENASE 2)'
2 non-polymer "6-CHLOROPURINE RIBOSIDE, 5'-MONOPHOSPHATE"
3 non-polymer 'SELENAZOLE-4-CARBOXYAMIDE-ADENINE DINUCLEOTIDE'
4 non-polymer 'UNKNOWN ATOM OR ION'
5 water water
#
_entity_poly.entity_id   1
_entity_poly.type   'polypeptide(L)'
_entity_poly.pdbx_seq_one_letter_code
;MADYLISGGTSYVPDDGLTAQQLFNCGDGLTYNDFLILPGYIDFTADQVDLTSALTKKITLKTPLVSSPMDTVTEAGMAI
AMALTGGIGFIHHNCTPEFQANEVRKVKKYEQGFITDPVVLSPKDRVRDVFEAKARHGFCGIPITDTGRMGSRLVGIISS
RDIDFLKEEEHDCFLEEIMTKREDLVVAPAGITLKEANEILQRSKKGKLPIVNEDDELVAIIARTDLKKNRDYPLASKDA
KKQLLCGAAIGTHEDDKYRLDLLAQAGVDVVVLDSSQGNSIFQINMIKYIKDKYPNLQVIGGNVVTAAQAKNLIDAGVDA
LRVGMGSGSICITQEVLACGRPQATAVYKVSEYARRFGVPVIADGGIQNVGHIAKALALGASTVMMGSLLAATTEAPGEY
FFSDGIRLKKYRGMGSLDAMDKHLSSQNRYFSEADKIKVAQGVSGAVQDKGSIHKFVPYLIAGIQHSCQDIGAKSLTQVR
AMMYSGELKFEKRTSSAQVEGGVHSLHSYEKRLF
;
_entity_poly.pdbx_strand_id   A,B
#
loop_
_chem_comp.id
_chem_comp.type
_chem_comp.name
_chem_comp.formula
CPR non-polymer '6-CHLOROPURINE RIBOSIDE, 5'-MONOPHOSPHATE' 'C10 H13 Cl N4 O7 P 1'
SAE non-polymer 'SELENAZOLE-4-CARBOXYAMIDE-ADENINE DINUCLEOTIDE' 'C19 H25 N7 O14 P2 Se'
UNX non-polymer 'UNKNOWN ATOM OR ION' ?
#
# COMPACT_ATOMS: atom_id res chain seq x y z
N THR A 10 -10.03 9.42 -6.33
CA THR A 10 -9.37 9.09 -5.01
C THR A 10 -10.19 8.06 -4.20
N SER A 11 -10.83 8.50 -3.10
CA SER A 11 -11.63 7.61 -2.25
C SER A 11 -11.06 6.20 -2.00
N TYR A 12 -10.06 6.12 -1.10
CA TYR A 12 -9.44 4.85 -0.79
C TYR A 12 -9.49 4.45 0.69
N VAL A 13 -9.53 5.43 1.60
CA VAL A 13 -9.54 5.15 3.03
C VAL A 13 -8.61 4.01 3.41
N PRO A 14 -7.49 4.35 4.07
CA PRO A 14 -6.45 3.42 4.52
C PRO A 14 -6.92 2.25 5.37
N ASP A 15 -6.80 2.35 6.69
CA ASP A 15 -7.24 1.24 7.51
C ASP A 15 -7.38 1.57 9.00
N ASP A 16 -8.60 1.33 9.51
CA ASP A 16 -8.97 1.58 10.90
C ASP A 16 -8.01 0.99 11.93
N GLY A 17 -8.37 1.23 13.18
CA GLY A 17 -7.60 0.79 14.33
C GLY A 17 -7.14 -0.63 14.46
N LEU A 18 -7.15 -1.11 15.69
CA LEU A 18 -6.69 -2.44 15.99
C LEU A 18 -7.67 -3.54 15.70
N THR A 19 -7.13 -4.74 15.70
CA THR A 19 -7.86 -5.96 15.46
C THR A 19 -7.85 -6.67 16.80
N ALA A 20 -9.00 -7.14 17.25
CA ALA A 20 -9.07 -7.82 18.53
C ALA A 20 -7.78 -8.54 18.87
N GLN A 21 -7.14 -9.19 17.90
CA GLN A 21 -5.93 -9.91 18.24
C GLN A 21 -4.82 -9.05 18.77
N GLN A 22 -4.23 -8.22 17.93
CA GLN A 22 -3.15 -7.35 18.39
C GLN A 22 -3.39 -6.72 19.77
N LEU A 23 -4.65 -6.43 20.07
CA LEU A 23 -5.04 -5.76 21.30
C LEU A 23 -5.22 -6.60 22.56
N PHE A 24 -5.58 -7.87 22.45
CA PHE A 24 -5.78 -8.69 23.64
C PHE A 24 -4.82 -9.89 23.79
N ASN A 25 -3.60 -9.75 23.28
CA ASN A 25 -2.52 -10.75 23.34
C ASN A 25 -1.24 -9.91 23.54
N CYS A 26 -1.43 -8.64 23.84
CA CYS A 26 -0.34 -7.67 23.95
C CYS A 26 0.00 -7.14 25.34
N GLY A 27 0.40 -8.04 26.24
CA GLY A 27 0.76 -7.63 27.59
C GLY A 27 -0.08 -6.45 28.06
N ASP A 28 -1.31 -6.42 27.58
CA ASP A 28 -2.20 -5.35 27.94
C ASP A 28 -2.77 -5.64 29.32
N GLY A 29 -3.85 -6.41 29.36
CA GLY A 29 -4.54 -6.72 30.60
C GLY A 29 -5.58 -5.63 30.63
N LEU A 30 -6.61 -5.77 29.81
CA LEU A 30 -7.65 -4.75 29.72
C LEU A 30 -8.99 -5.06 30.39
N THR A 31 -9.73 -3.98 30.64
CA THR A 31 -11.05 -3.99 31.27
C THR A 31 -12.07 -3.62 30.18
N TYR A 32 -13.35 -3.57 30.52
CA TYR A 32 -14.33 -3.20 29.53
C TYR A 32 -14.20 -1.73 29.22
N ASN A 33 -13.73 -0.97 30.21
CA ASN A 33 -13.59 0.46 30.00
C ASN A 33 -12.27 0.90 29.38
N ASP A 34 -11.36 -0.02 29.08
CA ASP A 34 -10.09 0.40 28.50
C ASP A 34 -10.13 0.63 27.00
N PHE A 35 -11.23 0.25 26.36
CA PHE A 35 -11.35 0.41 24.90
C PHE A 35 -12.79 0.62 24.40
N LEU A 36 -12.91 1.11 23.18
CA LEU A 36 -14.20 1.33 22.52
C LEU A 36 -14.18 0.59 21.19
N ILE A 37 -15.31 0.51 20.50
CA ILE A 37 -15.36 -0.17 19.21
C ILE A 37 -15.76 0.83 18.09
N LEU A 38 -15.01 0.86 17.00
CA LEU A 38 -15.34 1.76 15.89
C LEU A 38 -16.61 1.32 15.15
N PRO A 39 -17.53 2.27 14.90
CA PRO A 39 -18.79 2.01 14.22
C PRO A 39 -18.63 1.44 12.82
N GLY A 40 -19.71 0.92 12.26
CA GLY A 40 -19.66 0.34 10.93
C GLY A 40 -20.68 0.90 9.96
N TYR A 41 -21.30 0.03 9.18
CA TYR A 41 -22.30 0.49 8.22
C TYR A 41 -23.72 -0.01 8.51
N ILE A 42 -24.58 0.92 8.91
CA ILE A 42 -25.98 0.65 9.23
C ILE A 42 -26.81 0.63 7.96
N ASP A 43 -27.56 -0.45 7.75
CA ASP A 43 -28.41 -0.56 6.56
C ASP A 43 -29.56 -1.52 6.86
N PHE A 44 -30.17 -1.30 8.03
CA PHE A 44 -31.30 -2.08 8.55
C PHE A 44 -31.61 -1.57 9.94
N THR A 45 -32.83 -1.81 10.41
CA THR A 45 -33.23 -1.37 11.75
C THR A 45 -32.78 -2.26 12.91
N ALA A 46 -32.69 -1.68 14.09
CA ALA A 46 -32.27 -2.40 15.28
C ALA A 46 -33.14 -3.60 15.62
N ASP A 47 -34.46 -3.46 15.53
CA ASP A 47 -35.34 -4.56 15.85
C ASP A 47 -35.17 -5.77 14.93
N GLN A 48 -34.23 -5.69 14.00
CA GLN A 48 -34.00 -6.84 13.15
C GLN A 48 -32.81 -7.64 13.65
N VAL A 49 -32.16 -7.13 14.69
CA VAL A 49 -31.01 -7.80 15.24
C VAL A 49 -31.46 -8.99 16.06
N ASP A 50 -30.94 -10.15 15.70
CA ASP A 50 -31.22 -11.41 16.37
C ASP A 50 -30.19 -11.64 17.46
N LEU A 51 -30.65 -11.74 18.72
CA LEU A 51 -29.77 -11.96 19.86
C LEU A 51 -29.71 -13.40 20.33
N THR A 52 -30.06 -14.34 19.47
CA THR A 52 -30.02 -15.74 19.87
C THR A 52 -28.61 -16.13 20.27
N SER A 53 -28.48 -16.77 21.44
CA SER A 53 -27.19 -17.18 21.98
C SER A 53 -27.19 -18.59 22.54
N ALA A 54 -26.00 -19.18 22.68
CA ALA A 54 -25.85 -20.53 23.22
C ALA A 54 -25.36 -20.59 24.65
N LEU A 55 -26.21 -21.05 25.57
CA LEU A 55 -25.83 -21.16 26.98
C LEU A 55 -24.86 -22.33 27.20
N THR A 56 -25.18 -23.49 26.64
CA THR A 56 -24.32 -24.66 26.77
C THR A 56 -24.42 -25.42 25.47
N LYS A 57 -23.51 -26.37 25.25
CA LYS A 57 -23.53 -27.14 24.01
C LYS A 57 -24.91 -27.47 23.47
N LYS A 58 -25.87 -27.73 24.36
CA LYS A 58 -27.21 -28.08 23.92
C LYS A 58 -28.34 -27.25 24.53
N ILE A 59 -28.03 -26.10 25.11
CA ILE A 59 -29.10 -25.26 25.66
C ILE A 59 -28.97 -23.96 24.88
N THR A 60 -30.10 -23.41 24.41
CA THR A 60 -30.07 -22.18 23.63
C THR A 60 -31.14 -21.16 24.04
N LEU A 61 -30.74 -19.91 24.18
CA LEU A 61 -31.67 -18.86 24.61
C LEU A 61 -31.95 -17.79 23.53
N LYS A 62 -33.10 -17.12 23.65
CA LYS A 62 -33.49 -16.09 22.69
C LYS A 62 -32.80 -14.77 23.03
N THR A 63 -31.98 -14.79 24.09
CA THR A 63 -31.21 -13.62 24.55
C THR A 63 -30.04 -14.19 25.37
N PRO A 64 -28.91 -13.48 25.40
CA PRO A 64 -27.72 -13.91 26.14
C PRO A 64 -27.71 -13.64 27.64
N LEU A 65 -28.81 -13.18 28.20
CA LEU A 65 -28.84 -12.85 29.62
C LEU A 65 -28.96 -14.00 30.62
N VAL A 66 -28.14 -13.96 31.65
CA VAL A 66 -28.12 -14.98 32.69
C VAL A 66 -27.87 -14.33 34.06
N SER A 67 -28.74 -14.65 35.03
CA SER A 67 -28.61 -14.11 36.39
C SER A 67 -27.65 -14.93 37.26
N SER A 68 -27.08 -14.30 38.28
CA SER A 68 -26.11 -14.95 39.13
C SER A 68 -26.60 -15.74 40.34
N PRO A 69 -25.89 -16.82 40.66
CA PRO A 69 -26.17 -17.70 41.78
C PRO A 69 -25.68 -16.96 43.01
N MET A 70 -26.43 -15.95 43.43
CA MET A 70 -26.11 -15.15 44.59
C MET A 70 -27.38 -14.96 45.41
N ASP A 71 -27.33 -15.26 46.70
CA ASP A 71 -28.52 -15.09 47.53
C ASP A 71 -29.14 -13.70 47.41
N THR A 72 -28.32 -12.70 47.12
CA THR A 72 -28.83 -11.35 46.98
C THR A 72 -29.41 -11.08 45.60
N VAL A 73 -29.42 -12.12 44.74
CA VAL A 73 -29.87 -11.99 43.37
C VAL A 73 -30.94 -12.96 42.83
N THR A 74 -30.56 -14.23 42.72
CA THR A 74 -31.43 -15.24 42.15
C THR A 74 -32.07 -16.27 43.06
N GLU A 75 -33.38 -16.43 42.88
CA GLU A 75 -34.20 -17.38 43.63
C GLU A 75 -35.60 -17.45 43.01
N ALA A 76 -35.96 -18.63 42.50
CA ALA A 76 -37.28 -18.88 41.93
C ALA A 76 -37.96 -17.67 41.27
N GLY A 77 -38.40 -16.72 42.11
CA GLY A 77 -39.04 -15.51 41.61
C GLY A 77 -38.25 -14.94 40.46
N MET A 78 -36.96 -14.67 40.70
CA MET A 78 -36.07 -14.14 39.67
C MET A 78 -35.92 -15.16 38.55
N ALA A 79 -35.47 -16.36 38.89
CA ALA A 79 -35.26 -17.41 37.90
C ALA A 79 -36.41 -17.53 36.92
N ILE A 80 -37.63 -17.25 37.37
CA ILE A 80 -38.80 -17.34 36.50
C ILE A 80 -38.85 -16.18 35.51
N ALA A 81 -38.89 -14.95 36.01
CA ALA A 81 -38.92 -13.79 35.13
C ALA A 81 -37.85 -13.97 34.06
N MET A 82 -36.61 -14.11 34.50
CA MET A 82 -35.47 -14.31 33.62
C MET A 82 -35.82 -15.19 32.41
N ALA A 83 -36.41 -16.35 32.65
CA ALA A 83 -36.79 -17.27 31.57
C ALA A 83 -37.96 -16.79 30.72
N LEU A 84 -38.96 -16.19 31.36
CA LEU A 84 -40.11 -15.69 30.63
C LEU A 84 -39.68 -14.66 29.60
N THR A 85 -38.72 -13.83 29.99
CA THR A 85 -38.21 -12.74 29.17
C THR A 85 -37.11 -13.10 28.15
N GLY A 86 -36.59 -14.31 28.23
CA GLY A 86 -35.57 -14.72 27.28
C GLY A 86 -34.24 -15.22 27.84
N GLY A 87 -34.02 -15.02 29.15
CA GLY A 87 -32.79 -15.47 29.77
C GLY A 87 -32.85 -16.80 30.50
N ILE A 88 -32.30 -16.81 31.72
CA ILE A 88 -32.27 -18.01 32.55
C ILE A 88 -31.58 -17.66 33.85
N GLY A 89 -31.91 -18.37 34.93
CA GLY A 89 -31.28 -18.06 36.20
C GLY A 89 -30.74 -19.27 36.93
N PHE A 90 -29.79 -19.03 37.82
CA PHE A 90 -29.15 -20.08 38.60
C PHE A 90 -29.36 -19.78 40.08
N ILE A 91 -30.06 -20.68 40.77
CA ILE A 91 -30.35 -20.49 42.19
C ILE A 91 -29.10 -20.70 43.06
N HIS A 92 -28.95 -19.83 44.06
CA HIS A 92 -27.80 -19.85 44.97
C HIS A 92 -27.86 -21.00 45.96
N HIS A 93 -26.74 -21.67 46.17
CA HIS A 93 -26.68 -22.81 47.10
C HIS A 93 -26.21 -22.40 48.49
N ASN A 94 -26.67 -21.25 48.94
CA ASN A 94 -26.33 -20.76 50.26
C ASN A 94 -27.59 -20.99 51.08
N CYS A 95 -28.05 -22.24 51.09
CA CYS A 95 -29.27 -22.60 51.78
C CYS A 95 -29.37 -24.11 51.83
N THR A 96 -30.33 -24.63 52.59
CA THR A 96 -30.49 -26.07 52.70
C THR A 96 -30.78 -26.71 51.34
N PRO A 97 -30.15 -27.86 51.07
CA PRO A 97 -30.35 -28.56 49.81
C PRO A 97 -31.85 -28.68 49.54
N GLU A 98 -32.59 -28.94 50.61
CA GLU A 98 -34.05 -29.08 50.53
C GLU A 98 -34.69 -27.78 50.10
N PHE A 99 -34.12 -26.66 50.54
CA PHE A 99 -34.66 -25.33 50.19
C PHE A 99 -34.34 -24.95 48.74
N GLN A 100 -33.16 -25.34 48.29
CA GLN A 100 -32.75 -25.02 46.94
C GLN A 100 -33.64 -25.76 45.94
N ALA A 101 -33.66 -27.09 46.01
CA ALA A 101 -34.49 -27.86 45.08
C ALA A 101 -35.96 -27.45 45.12
N ASN A 102 -36.39 -26.83 46.21
CA ASN A 102 -37.78 -26.41 46.34
C ASN A 102 -38.02 -25.17 45.48
N GLU A 103 -36.93 -24.45 45.22
CA GLU A 103 -36.95 -23.24 44.39
C GLU A 103 -36.99 -23.69 42.96
N VAL A 104 -36.14 -24.68 42.66
CA VAL A 104 -36.06 -25.24 41.33
C VAL A 104 -37.41 -25.77 40.86
N ARG A 105 -38.18 -26.34 41.77
CA ARG A 105 -39.49 -26.86 41.37
C ARG A 105 -40.53 -25.75 41.25
N LYS A 106 -40.47 -24.72 42.10
CA LYS A 106 -41.44 -23.66 41.98
C LYS A 106 -41.37 -23.18 40.53
N VAL A 107 -40.15 -23.07 40.00
CA VAL A 107 -39.98 -22.59 38.64
C VAL A 107 -40.43 -23.59 37.59
N LYS A 108 -39.94 -24.83 37.69
CA LYS A 108 -40.31 -25.88 36.73
C LYS A 108 -41.82 -26.04 36.54
N LYS A 109 -42.60 -26.00 37.55
N ASP A 232 -48.36 -12.80 27.02
CA ASP A 232 -47.52 -13.81 26.31
C ASP A 232 -46.05 -13.39 26.32
N TYR A 233 -45.17 -14.36 26.06
CA TYR A 233 -43.71 -14.17 26.05
C TYR A 233 -43.12 -15.05 24.95
N PRO A 234 -43.17 -14.59 23.70
CA PRO A 234 -42.64 -15.39 22.60
C PRO A 234 -41.20 -15.79 22.85
N LEU A 235 -40.52 -15.01 23.69
CA LEU A 235 -39.12 -15.28 23.98
C LEU A 235 -38.84 -16.33 25.06
N ALA A 236 -39.83 -16.53 25.93
CA ALA A 236 -39.76 -17.52 27.02
C ALA A 236 -38.85 -18.71 26.74
N SER A 237 -37.91 -18.94 27.66
CA SER A 237 -36.95 -20.04 27.54
C SER A 237 -37.58 -21.31 28.14
N LYS A 238 -37.85 -22.32 27.32
CA LYS A 238 -38.50 -23.53 27.84
C LYS A 238 -37.80 -24.86 27.49
N ASP A 239 -38.03 -25.87 28.33
CA ASP A 239 -37.47 -27.21 28.11
C ASP A 239 -38.23 -27.88 27.00
N ALA A 240 -37.89 -29.13 26.70
CA ALA A 240 -38.57 -29.86 25.63
C ALA A 240 -40.03 -30.13 25.99
N LYS A 241 -40.46 -29.71 27.17
CA LYS A 241 -41.85 -29.92 27.59
C LYS A 241 -42.63 -28.65 28.01
N LYS A 242 -42.38 -27.53 27.34
CA LYS A 242 -43.09 -26.29 27.66
C LYS A 242 -42.79 -25.69 29.04
N GLN A 243 -41.75 -26.15 29.72
CA GLN A 243 -41.44 -25.58 31.03
C GLN A 243 -40.23 -24.65 31.08
N LEU A 244 -40.40 -23.53 31.80
CA LEU A 244 -39.35 -22.53 31.97
C LEU A 244 -38.09 -23.22 32.44
N LEU A 245 -36.94 -22.84 31.87
CA LEU A 245 -35.66 -23.41 32.26
C LEU A 245 -35.25 -22.93 33.64
N CYS A 246 -34.40 -23.71 34.30
CA CYS A 246 -33.91 -23.36 35.61
C CYS A 246 -32.57 -24.05 35.77
N GLY A 247 -31.65 -23.35 36.41
CA GLY A 247 -30.32 -23.88 36.64
C GLY A 247 -30.01 -23.59 38.09
N ALA A 248 -28.91 -24.14 38.60
CA ALA A 248 -28.56 -23.89 39.99
C ALA A 248 -27.12 -24.28 40.28
N ALA A 249 -26.54 -23.59 41.27
CA ALA A 249 -25.17 -23.81 41.68
C ALA A 249 -25.04 -24.97 42.70
N ILE A 250 -23.86 -25.59 42.73
CA ILE A 250 -23.59 -26.67 43.69
C ILE A 250 -22.08 -26.76 43.92
N GLY A 251 -21.66 -27.06 45.15
CA GLY A 251 -20.24 -27.14 45.42
C GLY A 251 -19.56 -28.35 44.79
N THR A 252 -18.29 -28.56 45.11
CA THR A 252 -17.55 -29.68 44.53
C THR A 252 -17.09 -30.70 45.57
N HIS A 253 -17.71 -30.64 46.75
CA HIS A 253 -17.41 -31.55 47.87
C HIS A 253 -18.42 -32.68 47.88
N GLU A 254 -18.14 -33.69 48.70
CA GLU A 254 -19.00 -34.84 48.85
C GLU A 254 -20.45 -34.45 49.11
N ASP A 255 -20.67 -33.82 50.26
CA ASP A 255 -22.03 -33.45 50.63
C ASP A 255 -22.87 -32.84 49.50
N ASP A 256 -22.20 -32.27 48.51
CA ASP A 256 -22.89 -31.65 47.39
C ASP A 256 -23.57 -32.67 46.48
N LYS A 257 -23.05 -33.89 46.43
CA LYS A 257 -23.64 -34.92 45.61
C LYS A 257 -25.09 -35.07 45.99
N TYR A 258 -25.38 -35.16 47.28
CA TYR A 258 -26.76 -35.29 47.72
C TYR A 258 -27.59 -34.13 47.16
N ARG A 259 -27.15 -32.91 47.46
CA ARG A 259 -27.84 -31.70 47.00
C ARG A 259 -28.20 -31.88 45.54
N LEU A 260 -27.20 -32.31 44.77
CA LEU A 260 -27.38 -32.54 43.34
C LEU A 260 -28.64 -33.39 43.12
N ASP A 261 -28.64 -34.58 43.71
CA ASP A 261 -29.75 -35.53 43.59
C ASP A 261 -31.12 -34.92 43.83
N LEU A 262 -31.20 -33.95 44.72
CA LEU A 262 -32.48 -33.31 45.00
C LEU A 262 -32.80 -32.40 43.83
N LEU A 263 -31.77 -31.68 43.40
CA LEU A 263 -31.89 -30.73 42.30
C LEU A 263 -32.27 -31.43 41.01
N ALA A 264 -31.56 -32.49 40.67
CA ALA A 264 -31.86 -33.27 39.48
C ALA A 264 -33.35 -33.66 39.51
N GLN A 265 -33.84 -34.06 40.68
CA GLN A 265 -35.24 -34.45 40.84
C GLN A 265 -36.20 -33.34 40.48
N ALA A 266 -36.01 -32.18 41.09
CA ALA A 266 -36.90 -31.06 40.84
C ALA A 266 -36.90 -30.65 39.37
N GLY A 267 -36.19 -31.41 38.54
CA GLY A 267 -36.13 -31.12 37.11
C GLY A 267 -35.19 -30.04 36.63
N VAL A 268 -34.09 -29.82 37.35
CA VAL A 268 -33.14 -28.79 36.98
C VAL A 268 -32.59 -29.12 35.58
N ASP A 269 -32.39 -28.08 34.77
CA ASP A 269 -31.89 -28.19 33.41
C ASP A 269 -30.38 -28.15 33.35
N VAL A 270 -29.76 -27.29 34.17
CA VAL A 270 -28.30 -27.17 34.20
C VAL A 270 -27.75 -26.84 35.56
N VAL A 271 -26.54 -27.34 35.76
CA VAL A 271 -25.79 -27.18 36.98
C VAL A 271 -24.45 -26.45 36.73
N VAL A 272 -24.07 -25.57 37.65
CA VAL A 272 -22.81 -24.85 37.50
C VAL A 272 -21.89 -24.98 38.71
N LEU A 273 -20.91 -25.86 38.62
CA LEU A 273 -19.97 -26.03 39.72
C LEU A 273 -19.42 -24.67 40.11
N ASP A 274 -19.99 -24.12 41.16
CA ASP A 274 -19.68 -22.79 41.67
C ASP A 274 -18.42 -22.54 42.53
N SER A 275 -17.32 -22.20 41.88
CA SER A 275 -16.04 -21.93 42.57
C SER A 275 -15.27 -20.72 42.03
N SER A 276 -14.53 -20.06 42.92
CA SER A 276 -13.75 -18.89 42.52
C SER A 276 -12.62 -19.29 41.59
N GLN A 277 -12.11 -20.51 41.73
CA GLN A 277 -11.02 -21.00 40.91
C GLN A 277 -11.47 -22.42 40.59
N GLY A 278 -11.58 -22.74 39.31
CA GLY A 278 -12.06 -24.05 38.92
C GLY A 278 -11.08 -25.09 38.44
N ASN A 279 -9.85 -24.70 38.13
CA ASN A 279 -8.91 -25.69 37.63
C ASN A 279 -8.34 -26.57 38.74
N SER A 280 -9.22 -27.36 39.35
CA SER A 280 -8.86 -28.27 40.45
C SER A 280 -9.28 -29.71 40.19
N ILE A 281 -8.58 -30.63 40.84
CA ILE A 281 -8.87 -32.05 40.74
C ILE A 281 -10.25 -32.32 41.38
N PHE A 282 -10.65 -31.46 42.30
CA PHE A 282 -11.93 -31.60 42.94
C PHE A 282 -13.08 -31.21 42.02
N GLN A 283 -12.79 -30.50 40.92
CA GLN A 283 -13.88 -30.15 40.05
C GLN A 283 -13.85 -31.11 38.88
N ILE A 284 -12.64 -31.47 38.47
CA ILE A 284 -12.47 -32.40 37.38
C ILE A 284 -13.19 -33.69 37.68
N ASN A 285 -13.10 -34.12 38.94
CA ASN A 285 -13.74 -35.36 39.36
C ASN A 285 -15.25 -35.22 39.51
N MET A 286 -15.70 -34.10 40.08
CA MET A 286 -17.12 -33.87 40.23
C MET A 286 -17.77 -33.80 38.85
N ILE A 287 -16.99 -33.44 37.84
CA ILE A 287 -17.48 -33.35 36.46
C ILE A 287 -17.65 -34.75 35.93
N LYS A 288 -16.55 -35.50 35.88
CA LYS A 288 -16.60 -36.86 35.38
C LYS A 288 -17.74 -37.64 36.06
N TYR A 289 -18.00 -37.31 37.32
CA TYR A 289 -19.09 -37.91 38.08
C TYR A 289 -20.43 -37.57 37.40
N ILE A 290 -20.90 -36.34 37.64
CA ILE A 290 -22.17 -35.88 37.08
C ILE A 290 -22.36 -36.23 35.62
N LYS A 291 -21.29 -36.21 34.85
CA LYS A 291 -21.38 -36.50 33.43
C LYS A 291 -21.88 -37.92 33.21
N ASP A 292 -21.60 -38.79 34.18
CA ASP A 292 -21.97 -40.19 34.16
C ASP A 292 -23.33 -40.45 34.86
N LYS A 293 -23.39 -40.20 36.16
CA LYS A 293 -24.61 -40.40 36.92
C LYS A 293 -25.83 -39.59 36.41
N TYR A 294 -25.64 -38.80 35.36
CA TYR A 294 -26.73 -37.99 34.79
C TYR A 294 -26.33 -37.47 33.41
N PRO A 295 -26.45 -38.32 32.36
CA PRO A 295 -26.11 -38.02 30.97
C PRO A 295 -26.90 -36.91 30.26
N ASN A 296 -28.13 -36.66 30.69
CA ASN A 296 -28.95 -35.63 30.07
C ASN A 296 -28.92 -34.25 30.75
N LEU A 297 -28.04 -34.11 31.73
CA LEU A 297 -27.90 -32.87 32.47
C LEU A 297 -26.64 -32.17 32.00
N GLN A 298 -26.78 -30.88 31.66
CA GLN A 298 -25.68 -30.03 31.18
C GLN A 298 -24.87 -29.40 32.32
N VAL A 299 -23.56 -29.62 32.30
CA VAL A 299 -22.61 -29.14 33.31
C VAL A 299 -21.72 -27.95 32.88
N ILE A 300 -21.70 -26.90 33.71
CA ILE A 300 -20.90 -25.67 33.47
C ILE A 300 -19.69 -25.59 34.43
N GLY A 301 -18.47 -25.51 33.89
CA GLY A 301 -17.27 -25.42 34.70
C GLY A 301 -17.01 -24.16 35.53
N GLY A 302 -16.43 -24.36 36.73
CA GLY A 302 -16.12 -23.30 37.69
C GLY A 302 -15.25 -22.19 37.12
N ASN A 303 -15.32 -20.99 37.68
CA ASN A 303 -14.56 -19.82 37.15
C ASN A 303 -13.09 -19.90 36.74
N VAL A 304 -12.82 -19.67 35.46
CA VAL A 304 -11.45 -19.69 34.94
C VAL A 304 -11.13 -18.43 34.14
N VAL A 305 -9.85 -18.13 33.98
CA VAL A 305 -9.42 -16.96 33.23
C VAL A 305 -8.30 -17.25 32.23
N THR A 306 -7.90 -18.50 32.07
CA THR A 306 -6.89 -18.81 31.06
C THR A 306 -7.31 -20.03 30.24
N ALA A 307 -6.64 -20.22 29.11
CA ALA A 307 -6.95 -21.36 28.26
C ALA A 307 -6.23 -22.56 28.81
N ALA A 308 -5.28 -22.33 29.72
CA ALA A 308 -4.56 -23.44 30.32
C ALA A 308 -5.53 -24.15 31.29
N GLN A 309 -6.38 -23.36 31.94
CA GLN A 309 -7.35 -23.92 32.88
C GLN A 309 -8.49 -24.55 32.09
N ALA A 310 -9.03 -23.82 31.12
CA ALA A 310 -10.15 -24.33 30.32
C ALA A 310 -9.90 -25.70 29.72
N LYS A 311 -8.67 -25.97 29.26
CA LYS A 311 -8.38 -27.28 28.69
C LYS A 311 -8.86 -28.43 29.56
N ASN A 312 -8.36 -28.50 30.79
CA ASN A 312 -8.76 -29.55 31.74
C ASN A 312 -10.27 -29.69 31.92
N LEU A 313 -10.96 -28.59 32.19
CA LEU A 313 -12.39 -28.63 32.37
C LEU A 313 -13.11 -29.15 31.14
N ILE A 314 -12.56 -28.86 29.96
CA ILE A 314 -13.15 -29.32 28.70
C ILE A 314 -12.90 -30.80 28.45
N ASP A 315 -11.82 -31.33 29.02
CA ASP A 315 -11.48 -32.73 28.87
C ASP A 315 -12.31 -33.55 29.86
N ALA A 316 -12.52 -32.99 31.05
CA ALA A 316 -13.32 -33.68 32.04
C ALA A 316 -14.69 -33.78 31.40
N GLY A 317 -14.93 -32.93 30.39
CA GLY A 317 -16.19 -32.95 29.68
C GLY A 317 -17.26 -31.94 30.01
N VAL A 318 -16.90 -30.70 30.36
CA VAL A 318 -17.93 -29.72 30.68
C VAL A 318 -18.68 -29.32 29.41
N ASP A 319 -19.86 -28.76 29.55
CA ASP A 319 -20.63 -28.37 28.39
C ASP A 319 -20.57 -26.85 28.16
N ALA A 320 -19.90 -26.13 29.05
CA ALA A 320 -19.76 -24.68 28.93
C ALA A 320 -18.71 -24.21 29.93
N LEU A 321 -18.43 -22.91 29.94
CA LEU A 321 -17.43 -22.34 30.85
C LEU A 321 -17.81 -20.97 31.40
N ARG A 322 -17.49 -20.76 32.68
CA ARG A 322 -17.80 -19.51 33.35
C ARG A 322 -16.48 -18.77 33.51
N VAL A 323 -16.30 -17.69 32.77
CA VAL A 323 -15.06 -16.91 32.83
C VAL A 323 -15.09 -15.69 33.75
N GLY A 324 -14.10 -15.58 34.64
CA GLY A 324 -14.04 -14.44 35.54
C GLY A 324 -13.35 -14.69 36.87
N MET A 325 -12.38 -13.86 37.24
CA MET A 325 -11.68 -14.00 38.51
C MET A 325 -10.97 -12.72 38.92
N GLY A 326 -11.66 -11.86 39.66
CA GLY A 326 -11.02 -10.62 40.06
C GLY A 326 -12.02 -9.50 39.89
N SER A 327 -13.25 -9.88 39.54
CA SER A 327 -14.34 -8.94 39.37
C SER A 327 -15.67 -9.48 39.90
N ARG A 341 -6.93 -11.72 36.89
CA ARG A 341 -6.92 -11.20 35.52
C ARG A 341 -8.02 -10.23 35.14
N PRO A 342 -7.70 -9.18 34.33
CA PRO A 342 -8.67 -8.18 33.87
C PRO A 342 -9.72 -8.89 32.98
N GLN A 343 -11.00 -8.58 33.20
CA GLN A 343 -12.07 -9.27 32.50
C GLN A 343 -12.08 -9.36 30.98
N ALA A 344 -12.01 -8.23 30.27
CA ALA A 344 -12.06 -8.26 28.82
C ALA A 344 -11.00 -9.17 28.23
N THR A 345 -9.76 -9.04 28.68
CA THR A 345 -8.68 -9.89 28.18
C THR A 345 -8.93 -11.35 28.55
N ALA A 346 -9.57 -11.60 29.68
CA ALA A 346 -9.86 -12.96 30.10
C ALA A 346 -10.92 -13.59 29.21
N VAL A 347 -11.96 -12.82 28.90
CA VAL A 347 -13.01 -13.32 28.05
C VAL A 347 -12.38 -13.61 26.70
N TYR A 348 -11.74 -12.61 26.10
CA TYR A 348 -11.12 -12.81 24.80
C TYR A 348 -10.36 -14.13 24.75
N LYS A 349 -9.36 -14.26 25.62
CA LYS A 349 -8.55 -15.46 25.65
C LYS A 349 -9.27 -16.78 25.80
N VAL A 350 -10.11 -16.93 26.82
CA VAL A 350 -10.79 -18.20 27.03
C VAL A 350 -11.79 -18.58 25.95
N SER A 351 -12.42 -17.58 25.33
CA SER A 351 -13.37 -17.88 24.27
C SER A 351 -12.64 -18.38 23.04
N GLU A 352 -11.54 -17.73 22.72
CA GLU A 352 -10.73 -18.04 21.55
C GLU A 352 -10.31 -19.50 21.56
N TYR A 353 -10.06 -20.06 22.74
CA TYR A 353 -9.65 -21.46 22.84
C TYR A 353 -10.85 -22.37 22.86
N ALA A 354 -11.81 -22.03 23.71
CA ALA A 354 -13.04 -22.79 23.90
C ALA A 354 -13.89 -23.04 22.65
N ARG A 355 -13.94 -22.07 21.74
CA ARG A 355 -14.70 -22.19 20.50
C ARG A 355 -14.16 -23.31 19.63
N ARG A 356 -12.87 -23.54 19.72
CA ARG A 356 -12.21 -24.59 18.95
C ARG A 356 -12.75 -25.95 19.34
N PHE A 357 -13.50 -26.01 20.45
CA PHE A 357 -14.05 -27.26 20.95
C PHE A 357 -15.58 -27.25 21.00
N GLY A 358 -16.19 -26.12 20.67
CA GLY A 358 -17.63 -26.04 20.71
C GLY A 358 -18.17 -25.85 22.10
N VAL A 359 -17.39 -25.18 22.95
CA VAL A 359 -17.79 -24.93 24.33
C VAL A 359 -18.09 -23.44 24.53
N PRO A 360 -19.35 -23.07 24.81
CA PRO A 360 -19.72 -21.68 25.04
C PRO A 360 -19.03 -21.10 26.28
N VAL A 361 -18.94 -19.77 26.34
CA VAL A 361 -18.29 -19.08 27.45
C VAL A 361 -19.24 -18.05 28.04
N ILE A 362 -19.32 -18.01 29.37
CA ILE A 362 -20.19 -17.06 30.04
C ILE A 362 -19.37 -15.96 30.70
N ALA A 363 -19.53 -14.74 30.20
CA ALA A 363 -18.80 -13.61 30.76
C ALA A 363 -19.35 -13.32 32.14
N ASP A 364 -18.61 -13.72 33.17
CA ASP A 364 -19.07 -13.51 34.54
C ASP A 364 -18.33 -12.43 35.35
N GLY A 365 -19.08 -11.39 35.73
CA GLY A 365 -18.52 -10.31 36.52
C GLY A 365 -18.16 -9.02 35.81
N GLY A 366 -18.43 -7.89 36.46
CA GLY A 366 -18.10 -6.60 35.88
C GLY A 366 -19.14 -5.86 35.05
N ILE A 367 -20.17 -6.54 34.59
CA ILE A 367 -21.19 -5.89 33.79
C ILE A 367 -21.90 -4.85 34.59
N GLN A 368 -21.72 -3.59 34.19
CA GLN A 368 -22.34 -2.46 34.86
C GLN A 368 -23.44 -1.79 34.02
N ASN A 369 -23.29 -1.80 32.69
CA ASN A 369 -24.30 -1.24 31.82
C ASN A 369 -24.34 -1.99 30.49
N VAL A 370 -25.34 -1.68 29.67
CA VAL A 370 -25.51 -2.33 28.38
C VAL A 370 -24.22 -2.41 27.58
N GLY A 371 -23.43 -1.34 27.64
CA GLY A 371 -22.17 -1.28 26.92
C GLY A 371 -21.25 -2.44 27.22
N HIS A 372 -21.01 -2.70 28.51
CA HIS A 372 -20.15 -3.80 28.89
C HIS A 372 -20.67 -5.10 28.31
N ILE A 373 -21.99 -5.26 28.28
CA ILE A 373 -22.60 -6.48 27.77
C ILE A 373 -22.26 -6.67 26.32
N ALA A 374 -22.39 -5.60 25.55
CA ALA A 374 -22.10 -5.65 24.12
C ALA A 374 -20.62 -5.93 23.89
N LYS A 375 -19.75 -5.31 24.68
CA LYS A 375 -18.31 -5.54 24.53
C LYS A 375 -17.92 -6.98 24.90
N ALA A 376 -18.62 -7.54 25.89
CA ALA A 376 -18.33 -8.90 26.37
C ALA A 376 -18.73 -9.97 25.37
N LEU A 377 -19.81 -9.71 24.65
CA LEU A 377 -20.29 -10.65 23.65
C LEU A 377 -19.38 -10.52 22.43
N ALA A 378 -19.07 -9.28 22.07
CA ALA A 378 -18.21 -8.95 20.94
C ALA A 378 -16.82 -9.54 21.01
N LEU A 379 -16.36 -9.85 22.23
CA LEU A 379 -15.02 -10.41 22.41
C LEU A 379 -15.00 -11.92 22.31
N GLY A 380 -16.17 -12.55 22.33
CA GLY A 380 -16.20 -14.00 22.21
C GLY A 380 -17.24 -14.69 23.06
N ALA A 381 -17.63 -14.05 24.14
CA ALA A 381 -18.62 -14.63 25.02
C ALA A 381 -19.94 -14.94 24.29
N SER A 382 -20.54 -16.06 24.66
CA SER A 382 -21.80 -16.50 24.08
C SER A 382 -22.93 -15.95 24.89
N THR A 383 -22.73 -15.86 26.21
CA THR A 383 -23.72 -15.29 27.13
C THR A 383 -23.05 -14.46 28.19
N VAL A 384 -23.85 -13.72 28.95
CA VAL A 384 -23.32 -12.87 30.00
C VAL A 384 -24.07 -13.07 31.31
N MET A 385 -23.33 -13.22 32.41
CA MET A 385 -23.94 -13.40 33.72
C MET A 385 -23.88 -12.09 34.48
N MET A 386 -24.98 -11.73 35.14
CA MET A 386 -25.04 -10.47 35.87
C MET A 386 -25.39 -10.68 37.34
N GLY A 387 -24.70 -9.96 38.21
CA GLY A 387 -24.99 -10.08 39.61
C GLY A 387 -25.60 -8.80 40.10
N SER A 388 -24.75 -7.92 40.61
CA SER A 388 -25.20 -6.65 41.13
C SER A 388 -26.08 -5.80 40.22
N LEU A 389 -25.82 -5.81 38.93
CA LEU A 389 -26.66 -4.98 38.06
C LEU A 389 -28.14 -5.36 38.17
N LEU A 390 -28.43 -6.54 38.73
CA LEU A 390 -29.82 -6.98 38.86
C LEU A 390 -30.37 -6.93 40.30
N ALA A 391 -29.47 -7.04 41.27
CA ALA A 391 -29.83 -7.05 42.68
C ALA A 391 -30.79 -5.95 43.12
N ALA A 392 -31.04 -4.99 42.23
CA ALA A 392 -31.96 -3.90 42.56
C ALA A 392 -33.28 -4.00 41.80
N THR A 393 -33.60 -5.17 41.27
CA THR A 393 -34.85 -5.33 40.57
C THR A 393 -35.81 -5.81 41.65
N THR A 394 -37.09 -6.01 41.30
CA THR A 394 -38.10 -6.45 42.26
C THR A 394 -38.05 -7.97 42.50
N GLU A 395 -37.85 -8.73 41.45
CA GLU A 395 -37.81 -10.17 41.53
C GLU A 395 -36.63 -10.65 42.40
N ALA A 396 -35.82 -9.70 42.84
CA ALA A 396 -34.67 -10.03 43.68
C ALA A 396 -35.11 -10.21 45.12
N PRO A 397 -34.54 -11.21 45.80
CA PRO A 397 -34.87 -11.51 47.20
C PRO A 397 -34.37 -10.40 48.15
N GLY A 398 -35.30 -9.84 48.93
CA GLY A 398 -34.93 -8.77 49.85
C GLY A 398 -36.10 -8.06 50.50
N GLU A 399 -35.82 -6.86 51.03
CA GLU A 399 -36.80 -6.02 51.74
C GLU A 399 -37.86 -5.34 50.85
N TYR A 400 -37.50 -4.29 50.24
N ASP A 449 -34.27 1.92 43.79
CA ASP A 449 -33.88 1.82 42.34
C ASP A 449 -34.86 0.93 41.55
N LYS A 450 -34.50 0.70 40.28
CA LYS A 450 -35.23 -0.08 39.26
C LYS A 450 -36.57 -0.74 39.60
N GLY A 451 -37.23 -1.26 38.56
CA GLY A 451 -38.51 -1.93 38.76
C GLY A 451 -38.35 -3.39 38.46
N SER A 452 -39.42 -4.00 37.96
CA SER A 452 -39.47 -5.42 37.63
C SER A 452 -38.56 -5.84 36.48
N ILE A 453 -38.17 -7.10 36.51
CA ILE A 453 -37.32 -7.73 35.49
C ILE A 453 -38.07 -7.71 34.17
N HIS A 454 -39.38 -7.54 34.23
CA HIS A 454 -40.19 -7.52 33.02
C HIS A 454 -40.12 -6.22 32.25
N LYS A 455 -39.50 -5.20 32.85
CA LYS A 455 -39.33 -3.92 32.18
C LYS A 455 -37.85 -3.66 31.92
N PHE A 456 -37.02 -4.16 32.82
CA PHE A 456 -35.58 -3.99 32.73
C PHE A 456 -35.05 -4.84 31.59
N VAL A 457 -35.22 -6.15 31.67
CA VAL A 457 -34.73 -7.02 30.60
C VAL A 457 -35.05 -6.51 29.20
N PRO A 458 -36.32 -6.16 28.92
CA PRO A 458 -36.67 -5.66 27.59
C PRO A 458 -35.71 -4.53 27.22
N TYR A 459 -35.55 -3.60 28.16
CA TYR A 459 -34.66 -2.46 28.02
C TYR A 459 -33.29 -2.92 27.55
N LEU A 460 -32.70 -3.85 28.29
CA LEU A 460 -31.38 -4.33 27.93
C LEU A 460 -31.35 -4.90 26.52
N ILE A 461 -32.35 -5.70 26.17
CA ILE A 461 -32.38 -6.29 24.85
C ILE A 461 -32.42 -5.21 23.79
N ALA A 462 -33.19 -4.15 24.06
CA ALA A 462 -33.31 -3.05 23.13
C ALA A 462 -31.91 -2.46 22.92
N GLY A 463 -31.31 -1.95 24.00
CA GLY A 463 -29.97 -1.41 23.88
C GLY A 463 -29.02 -2.29 23.09
N ILE A 464 -28.88 -3.55 23.48
CA ILE A 464 -27.98 -4.48 22.82
C ILE A 464 -28.19 -4.61 21.31
N GLN A 465 -29.42 -4.55 20.83
CA GLN A 465 -29.63 -4.67 19.38
C GLN A 465 -29.13 -3.38 18.74
N HIS A 466 -29.42 -2.28 19.42
CA HIS A 466 -29.03 -0.94 19.00
C HIS A 466 -27.52 -0.89 18.91
N SER A 467 -26.84 -1.55 19.84
CA SER A 467 -25.39 -1.57 19.87
C SER A 467 -24.87 -2.39 18.69
N CYS A 468 -25.59 -3.48 18.35
CA CYS A 468 -25.26 -4.36 17.22
C CYS A 468 -25.55 -3.69 15.88
N GLN A 469 -26.38 -2.65 15.91
CA GLN A 469 -26.68 -1.92 14.69
C GLN A 469 -25.49 -1.00 14.43
N ASP A 470 -25.17 -0.15 15.41
CA ASP A 470 -24.06 0.79 15.31
C ASP A 470 -22.82 0.14 14.69
N ILE A 471 -22.60 -1.14 14.96
CA ILE A 471 -21.42 -1.80 14.41
C ILE A 471 -21.76 -2.62 13.19
N GLY A 472 -22.94 -2.38 12.62
CA GLY A 472 -23.39 -3.07 11.42
C GLY A 472 -23.56 -4.59 11.38
N ALA A 473 -23.74 -5.21 12.54
CA ALA A 473 -23.94 -6.64 12.62
C ALA A 473 -25.42 -6.91 12.87
N LYS A 474 -25.92 -7.99 12.28
CA LYS A 474 -27.34 -8.33 12.38
C LYS A 474 -27.67 -9.35 13.46
N SER A 475 -26.69 -10.15 13.84
CA SER A 475 -26.87 -11.15 14.87
C SER A 475 -25.67 -10.99 15.79
N LEU A 476 -25.63 -11.73 16.90
CA LEU A 476 -24.47 -11.66 17.77
C LEU A 476 -23.43 -12.57 17.12
N THR A 477 -23.92 -13.62 16.46
CA THR A 477 -23.04 -14.57 15.80
C THR A 477 -22.16 -13.87 14.81
N GLN A 478 -22.75 -12.86 14.14
CA GLN A 478 -22.03 -12.09 13.13
C GLN A 478 -21.01 -11.18 13.79
N VAL A 479 -21.33 -10.58 14.94
CA VAL A 479 -20.35 -9.72 15.58
C VAL A 479 -19.11 -10.51 15.96
N ARG A 480 -19.29 -11.74 16.45
CA ARG A 480 -18.14 -12.55 16.83
C ARG A 480 -17.33 -12.91 15.59
N ALA A 481 -18.02 -13.21 14.51
CA ALA A 481 -17.36 -13.57 13.26
C ALA A 481 -16.55 -12.40 12.71
N MET A 482 -17.06 -11.19 12.88
CA MET A 482 -16.38 -9.99 12.42
C MET A 482 -15.09 -9.71 13.20
N MET A 483 -15.13 -9.81 14.52
CA MET A 483 -13.94 -9.52 15.30
C MET A 483 -12.87 -10.59 15.13
N TYR A 484 -13.26 -11.83 14.82
CA TYR A 484 -12.27 -12.90 14.61
C TYR A 484 -11.63 -12.78 13.23
N SER A 485 -12.34 -12.19 12.29
CA SER A 485 -11.85 -12.04 10.92
C SER A 485 -10.96 -10.82 10.81
N GLY A 486 -11.31 -9.78 11.55
CA GLY A 486 -10.53 -8.56 11.51
C GLY A 486 -11.28 -7.44 10.83
N GLU A 487 -12.59 -7.57 10.72
CA GLU A 487 -13.38 -6.53 10.10
C GLU A 487 -13.74 -5.50 11.16
N LEU A 488 -14.03 -6.00 12.35
CA LEU A 488 -14.41 -5.17 13.48
C LEU A 488 -13.15 -4.56 14.08
N LYS A 489 -13.15 -3.23 14.20
CA LYS A 489 -12.01 -2.49 14.73
C LYS A 489 -12.24 -1.89 16.10
N PHE A 490 -11.17 -1.79 16.88
CA PHE A 490 -11.22 -1.25 18.23
C PHE A 490 -10.26 -0.08 18.37
N GLU A 491 -10.17 0.45 19.59
CA GLU A 491 -9.27 1.54 19.92
C GLU A 491 -9.17 1.74 21.43
N LYS A 492 -7.94 1.70 21.97
CA LYS A 492 -7.72 1.88 23.41
C LYS A 492 -7.95 3.32 23.87
N ARG A 493 -8.31 3.52 25.14
CA ARG A 493 -8.52 4.87 25.66
C ARG A 493 -7.55 5.02 26.83
N THR A 494 -6.92 6.19 26.96
CA THR A 494 -6.00 6.39 28.09
C THR A 494 -6.80 6.55 29.38
N SER A 495 -6.16 6.36 30.53
CA SER A 495 -6.88 6.51 31.80
C SER A 495 -7.60 7.86 31.72
N SER A 496 -6.81 8.91 31.48
CA SER A 496 -7.31 10.29 31.36
C SER A 496 -8.26 10.43 30.14
N ALA A 497 -8.40 9.34 29.39
CA ALA A 497 -9.29 9.31 28.24
C ALA A 497 -10.45 8.38 28.65
N GLN A 498 -10.91 8.53 29.90
CA GLN A 498 -12.01 7.72 30.45
C GLN A 498 -12.76 8.35 31.63
N VAL A 499 -12.13 8.52 32.71
N THR B 10 -17.83 -15.03 5.34
CA THR B 10 -16.51 -14.32 5.49
C THR B 10 -16.20 -13.41 4.28
N SER B 11 -15.24 -13.86 3.46
CA SER B 11 -14.83 -13.13 2.26
C SER B 11 -14.44 -11.70 2.62
N TYR B 12 -13.48 -11.57 3.55
CA TYR B 12 -13.04 -10.26 4.02
C TYR B 12 -11.66 -9.73 3.64
N VAL B 13 -10.65 -10.59 3.64
CA VAL B 13 -9.27 -10.17 3.35
C VAL B 13 -9.00 -9.06 4.36
N PRO B 14 -8.06 -9.30 5.30
CA PRO B 14 -7.77 -8.27 6.31
C PRO B 14 -7.18 -6.98 5.74
N ASP B 15 -5.86 -6.93 5.68
CA ASP B 15 -5.12 -5.81 5.12
C ASP B 15 -3.66 -6.18 5.13
N ASP B 16 -2.96 -5.78 4.07
CA ASP B 16 -1.57 -6.16 3.93
C ASP B 16 -0.46 -5.14 4.05
N GLY B 17 0.66 -5.59 3.47
CA GLY B 17 1.93 -4.91 3.42
C GLY B 17 2.05 -3.45 3.81
N LEU B 18 3.26 -2.97 3.63
CA LEU B 18 3.58 -1.62 3.96
C LEU B 18 3.07 -0.61 2.98
N THR B 19 3.06 0.62 3.45
CA THR B 19 2.66 1.78 2.71
C THR B 19 3.97 2.48 2.44
N ALA B 20 4.13 3.06 1.26
CA ALA B 20 5.38 3.73 0.93
C ALA B 20 5.87 4.57 2.11
N GLN B 21 4.97 5.20 2.85
CA GLN B 21 5.42 6.03 3.95
C GLN B 21 6.13 5.28 5.07
N GLN B 22 5.45 4.36 5.70
CA GLN B 22 6.08 3.60 6.76
C GLN B 22 7.48 3.14 6.34
N LEU B 23 7.59 2.59 5.14
CA LEU B 23 8.84 2.05 4.64
C LEU B 23 10.01 2.96 4.29
N PHE B 24 9.74 4.14 3.74
CA PHE B 24 10.80 5.06 3.33
C PHE B 24 11.10 6.26 4.25
N ASN B 25 10.58 6.24 5.47
CA ASN B 25 10.80 7.29 6.48
C ASN B 25 11.20 6.54 7.76
N CYS B 26 11.73 5.34 7.59
CA CYS B 26 12.09 4.54 8.75
C CYS B 26 13.51 4.07 8.80
N GLY B 27 14.40 5.01 9.08
CA GLY B 27 15.82 4.70 9.19
C GLY B 27 16.17 3.47 8.38
N ASP B 28 15.63 3.40 7.17
CA ASP B 28 15.91 2.25 6.35
C ASP B 28 17.10 2.54 5.46
N GLY B 29 16.90 3.36 4.44
CA GLY B 29 18.00 3.64 3.54
C GLY B 29 17.98 2.48 2.58
N LEU B 30 16.99 2.49 1.70
CA LEU B 30 16.81 1.41 0.75
C LEU B 30 17.26 1.63 -0.69
N THR B 31 17.45 0.53 -1.40
CA THR B 31 17.84 0.54 -2.81
C THR B 31 16.67 -0.05 -3.60
N TYR B 32 16.76 -0.01 -4.91
CA TYR B 32 15.72 -0.57 -5.73
C TYR B 32 15.60 -2.06 -5.55
N ASN B 33 16.67 -2.71 -5.09
CA ASN B 33 16.55 -4.16 -4.90
C ASN B 33 16.18 -4.59 -3.48
N ASP B 34 15.95 -3.62 -2.60
CA ASP B 34 15.57 -3.98 -1.24
C ASP B 34 14.09 -4.28 -1.07
N PHE B 35 13.27 -3.98 -2.07
CA PHE B 35 11.85 -4.25 -1.93
C PHE B 35 11.19 -4.63 -3.25
N LEU B 36 9.95 -5.05 -3.15
CA LEU B 36 9.13 -5.43 -4.29
C LEU B 36 7.80 -4.72 -4.13
N ILE B 37 6.91 -4.89 -5.09
CA ILE B 37 5.60 -4.27 -5.01
C ILE B 37 4.55 -5.36 -5.19
N LEU B 38 3.56 -5.39 -4.30
CA LEU B 38 2.48 -6.38 -4.39
C LEU B 38 1.55 -6.05 -5.55
N PRO B 39 1.17 -7.07 -6.34
CA PRO B 39 0.29 -6.92 -7.49
C PRO B 39 -1.06 -6.34 -7.11
N GLY B 40 -1.86 -6.06 -8.14
CA GLY B 40 -3.19 -5.49 -7.92
C GLY B 40 -4.27 -6.19 -8.70
N TYR B 41 -5.16 -5.39 -9.30
CA TYR B 41 -6.24 -5.95 -10.09
C TYR B 41 -6.18 -5.55 -11.56
N ILE B 42 -5.93 -6.54 -12.42
CA ILE B 42 -5.85 -6.28 -13.85
C ILE B 42 -7.24 -6.41 -14.48
N ASP B 43 -7.64 -5.40 -15.25
CA ASP B 43 -8.93 -5.42 -15.95
C ASP B 43 -8.87 -4.53 -17.18
N PHE B 44 -7.80 -4.71 -17.95
CA PHE B 44 -7.50 -3.96 -19.16
C PHE B 44 -6.14 -4.41 -19.67
N THR B 45 -5.86 -4.20 -20.95
CA THR B 45 -4.58 -4.59 -21.55
C THR B 45 -3.46 -3.57 -21.38
N ALA B 46 -2.23 -4.07 -21.35
CA ALA B 46 -1.04 -3.24 -21.14
C ALA B 46 -0.87 -2.10 -22.12
N ASP B 47 -1.16 -2.35 -23.40
CA ASP B 47 -0.97 -1.29 -24.38
C ASP B 47 -1.92 -0.14 -24.20
N GLN B 48 -2.69 -0.17 -23.11
CA GLN B 48 -3.62 0.91 -22.85
C GLN B 48 -3.08 1.79 -21.75
N VAL B 49 -1.88 1.47 -21.28
CA VAL B 49 -1.27 2.24 -20.21
C VAL B 49 -0.52 3.43 -20.78
N ASP B 50 -0.96 4.60 -20.35
CA ASP B 50 -0.44 5.89 -20.76
C ASP B 50 0.79 6.28 -19.94
N LEU B 51 1.96 6.32 -20.60
CA LEU B 51 3.22 6.68 -19.94
C LEU B 51 3.58 8.14 -20.01
N THR B 52 2.62 9.02 -20.25
CA THR B 52 2.93 10.44 -20.32
C THR B 52 3.55 10.97 -19.02
N SER B 53 4.71 11.61 -19.15
CA SER B 53 5.44 12.12 -18.00
C SER B 53 5.84 13.58 -18.12
N ALA B 54 6.14 14.22 -16.99
CA ALA B 54 6.56 15.61 -16.97
C ALA B 54 8.07 15.70 -16.78
N LEU B 55 8.76 16.35 -17.74
CA LEU B 55 10.21 16.53 -17.65
C LEU B 55 10.47 17.71 -16.77
N THR B 56 9.85 18.83 -17.08
CA THR B 56 10.02 20.01 -16.25
C THR B 56 8.65 20.63 -16.14
N LYS B 57 8.55 21.74 -15.42
CA LYS B 57 7.29 22.44 -15.23
C LYS B 57 6.49 22.57 -16.54
N LYS B 58 7.17 22.94 -17.61
CA LYS B 58 6.49 23.11 -18.89
C LYS B 58 6.84 22.14 -20.00
N ILE B 59 7.84 21.29 -19.81
CA ILE B 59 8.16 20.31 -20.87
C ILE B 59 7.40 19.04 -20.51
N THR B 60 6.96 18.29 -21.52
CA THR B 60 6.24 17.05 -21.29
C THR B 60 6.59 16.02 -22.37
N LEU B 61 6.75 14.77 -21.96
CA LEU B 61 7.14 13.73 -22.90
C LEU B 61 6.14 12.55 -22.95
N LYS B 62 6.08 11.84 -24.08
CA LYS B 62 5.17 10.71 -24.22
C LYS B 62 5.70 9.47 -23.49
N THR B 63 6.91 9.58 -22.93
CA THR B 63 7.54 8.50 -22.17
C THR B 63 8.56 9.14 -21.24
N PRO B 64 8.72 8.64 -20.00
CA PRO B 64 9.64 9.13 -18.99
C PRO B 64 11.13 8.81 -19.17
N LEU B 65 11.58 8.58 -20.39
CA LEU B 65 12.96 8.21 -20.58
C LEU B 65 13.97 9.26 -21.03
N VAL B 66 14.90 9.60 -20.14
CA VAL B 66 15.94 10.59 -20.39
C VAL B 66 17.33 9.96 -20.42
N SER B 67 18.19 10.36 -21.36
CA SER B 67 19.57 9.84 -21.43
C SER B 67 20.56 10.74 -20.66
N SER B 68 21.73 10.23 -20.33
CA SER B 68 22.66 11.00 -19.51
C SER B 68 23.72 11.84 -20.21
N PRO B 69 24.05 12.99 -19.60
CA PRO B 69 25.05 13.94 -20.09
C PRO B 69 26.44 13.34 -19.91
N MET B 70 26.66 12.17 -20.49
CA MET B 70 27.95 11.51 -20.36
C MET B 70 28.56 11.27 -21.74
N ASP B 71 29.83 11.63 -21.87
CA ASP B 71 30.58 11.47 -23.11
C ASP B 71 30.63 10.03 -23.62
N THR B 72 30.13 9.11 -22.82
CA THR B 72 30.13 7.73 -23.23
C THR B 72 28.72 7.33 -23.63
N VAL B 73 27.79 8.25 -23.44
CA VAL B 73 26.38 8.03 -23.71
C VAL B 73 25.66 8.96 -24.71
N THR B 74 25.53 10.23 -24.38
CA THR B 74 24.77 11.16 -25.23
C THR B 74 25.40 12.30 -26.03
N GLU B 75 25.18 12.21 -27.35
CA GLU B 75 25.64 13.21 -28.31
C GLU B 75 24.75 13.14 -29.53
N ALA B 76 24.16 14.27 -29.92
CA ALA B 76 23.33 14.37 -31.13
C ALA B 76 22.70 13.05 -31.62
N GLY B 77 23.52 12.17 -32.18
CA GLY B 77 23.04 10.89 -32.67
C GLY B 77 22.09 10.20 -31.72
N MET B 78 22.47 10.21 -30.43
CA MET B 78 21.69 9.65 -29.33
C MET B 78 20.48 10.54 -29.07
N ALA B 79 20.76 11.79 -28.69
CA ALA B 79 19.74 12.78 -28.39
C ALA B 79 18.60 12.82 -29.41
N ILE B 80 18.92 12.48 -30.66
CA ILE B 80 17.93 12.48 -31.72
C ILE B 80 17.02 11.27 -31.61
N ALA B 81 17.60 10.07 -31.52
CA ALA B 81 16.78 8.86 -31.40
C ALA B 81 15.87 9.02 -30.16
N MET B 82 16.49 9.29 -29.02
CA MET B 82 15.78 9.47 -27.76
C MET B 82 14.48 10.27 -27.95
N ALA B 83 14.52 11.35 -28.73
CA ALA B 83 13.32 12.18 -28.95
C ALA B 83 12.34 11.57 -29.97
N LEU B 84 12.87 10.98 -31.03
CA LEU B 84 11.99 10.38 -32.02
C LEU B 84 11.15 9.29 -31.39
N THR B 85 11.76 8.56 -30.45
CA THR B 85 11.08 7.46 -29.76
C THR B 85 10.23 7.85 -28.55
N GLY B 86 10.34 9.10 -28.10
CA GLY B 86 9.51 9.52 -26.98
C GLY B 86 10.20 10.14 -25.80
N GLY B 87 11.54 10.08 -25.77
CA GLY B 87 12.26 10.62 -24.63
C GLY B 87 12.89 11.98 -24.86
N ILE B 88 14.16 12.09 -24.47
CA ILE B 88 14.93 13.31 -24.63
C ILE B 88 16.35 13.01 -24.16
N GLY B 89 17.32 13.80 -24.60
CA GLY B 89 18.70 13.55 -24.22
C GLY B 89 19.49 14.82 -23.89
N PHE B 90 20.45 14.72 -22.99
CA PHE B 90 21.26 15.88 -22.65
C PHE B 90 22.68 15.63 -23.09
N ILE B 91 23.21 16.54 -23.92
CA ILE B 91 24.58 16.43 -24.43
C ILE B 91 25.59 16.75 -23.31
N HIS B 92 26.70 16.01 -23.30
CA HIS B 92 27.74 16.19 -22.29
C HIS B 92 28.52 17.46 -22.56
N HIS B 93 29.06 18.06 -21.51
CA HIS B 93 29.86 19.27 -21.66
C HIS B 93 31.32 18.96 -21.38
N ASN B 94 31.77 17.84 -21.91
CA ASN B 94 33.14 17.41 -21.75
C ASN B 94 33.66 17.58 -23.17
N CYS B 95 33.64 18.83 -23.62
CA CYS B 95 34.07 19.17 -24.96
C CYS B 95 34.03 20.69 -25.12
N THR B 96 34.54 21.19 -26.23
CA THR B 96 34.55 22.63 -26.51
C THR B 96 33.15 23.17 -26.59
N PRO B 97 32.90 24.34 -25.97
CA PRO B 97 31.56 24.93 -26.01
C PRO B 97 31.06 24.93 -27.45
N GLU B 98 31.95 25.24 -28.38
CA GLU B 98 31.61 25.24 -29.80
C GLU B 98 31.12 23.85 -30.25
N PHE B 99 31.84 22.83 -29.81
CA PHE B 99 31.52 21.44 -30.15
C PHE B 99 30.15 20.99 -29.65
N GLN B 100 29.85 21.35 -28.41
CA GLN B 100 28.60 21.00 -27.78
C GLN B 100 27.46 21.62 -28.59
N ALA B 101 27.40 22.96 -28.60
CA ALA B 101 26.34 23.67 -29.34
C ALA B 101 26.19 23.15 -30.77
N ASN B 102 27.27 22.60 -31.30
CA ASN B 102 27.23 22.06 -32.65
C ASN B 102 26.34 20.81 -32.66
N GLU B 103 26.38 20.02 -31.58
CA GLU B 103 25.54 18.82 -31.48
C GLU B 103 24.07 19.18 -31.29
N VAL B 104 23.83 20.21 -30.48
CA VAL B 104 22.49 20.71 -30.19
C VAL B 104 21.79 21.02 -31.50
N ARG B 105 22.47 21.80 -32.33
CA ARG B 105 21.97 22.21 -33.64
C ARG B 105 21.71 21.02 -34.57
N LYS B 106 22.65 20.09 -34.67
CA LYS B 106 22.44 18.93 -35.52
C LYS B 106 21.08 18.33 -35.22
N VAL B 107 20.71 18.35 -33.95
CA VAL B 107 19.46 17.80 -33.49
C VAL B 107 18.29 18.65 -33.93
N LYS B 108 18.22 19.88 -33.39
CA LYS B 108 17.15 20.82 -33.73
C LYS B 108 16.84 20.79 -35.23
N LYS B 109 17.88 21.05 -36.01
CA LYS B 109 17.79 21.06 -37.46
C LYS B 109 17.43 19.74 -38.14
N TYR B 110 17.27 18.67 -37.35
CA TYR B 110 16.93 17.37 -37.91
C TYR B 110 15.58 17.43 -38.62
N GLU B 111 14.51 17.69 -37.87
CA GLU B 111 13.18 17.83 -38.50
C GLU B 111 13.48 19.03 -39.37
N GLN B 112 12.70 19.24 -40.43
CA GLN B 112 12.98 20.37 -41.30
C GLN B 112 14.49 20.48 -41.63
N GLY B 113 14.99 19.54 -42.44
CA GLY B 113 16.39 19.61 -42.84
C GLY B 113 17.38 18.44 -42.77
N PHE B 114 18.42 18.65 -41.94
CA PHE B 114 19.54 17.73 -41.69
C PHE B 114 19.18 16.24 -41.54
N ILE B 115 20.18 15.37 -41.56
CA ILE B 115 19.90 13.96 -41.38
C ILE B 115 20.83 13.26 -40.37
N THR B 116 22.14 13.33 -40.59
CA THR B 116 23.04 12.73 -39.62
C THR B 116 22.95 11.22 -39.55
N ASP B 117 21.75 10.68 -39.74
CA ASP B 117 21.57 9.23 -39.66
C ASP B 117 21.01 8.58 -40.93
N PRO B 118 21.48 9.02 -42.11
CA PRO B 118 20.94 8.38 -43.32
C PRO B 118 21.45 6.95 -43.38
N VAL B 119 20.83 6.15 -44.24
CA VAL B 119 21.29 4.78 -44.41
C VAL B 119 22.48 4.84 -45.35
N VAL B 120 23.65 4.46 -44.86
CA VAL B 120 24.82 4.50 -45.71
C VAL B 120 25.28 3.06 -45.89
N LEU B 121 26.35 2.85 -46.65
CA LEU B 121 26.90 1.49 -46.86
C LEU B 121 28.08 1.47 -47.83
N SER B 122 28.88 0.41 -47.73
CA SER B 122 30.08 0.20 -48.53
C SER B 122 29.81 -0.15 -50.00
N PRO B 123 30.81 0.11 -50.88
CA PRO B 123 30.82 -0.11 -52.33
C PRO B 123 30.08 -1.38 -52.74
N LYS B 124 30.81 -2.50 -52.75
CA LYS B 124 30.20 -3.80 -53.10
C LYS B 124 29.56 -4.49 -51.89
N ASP B 125 28.24 -4.57 -51.98
CA ASP B 125 27.40 -5.17 -50.95
C ASP B 125 26.14 -5.48 -51.74
N ARG B 126 25.02 -4.98 -51.20
CA ARG B 126 23.68 -5.07 -51.78
C ARG B 126 22.68 -4.60 -50.73
N VAL B 127 21.87 -3.60 -51.10
CA VAL B 127 20.87 -3.11 -50.17
C VAL B 127 19.71 -4.11 -50.21
N ARG B 128 18.83 -3.97 -49.23
CA ARG B 128 17.69 -4.84 -49.09
C ARG B 128 16.38 -4.04 -48.96
N ASP B 129 16.28 -3.20 -48.04
N CYS B 140 15.28 6.74 -52.40
CA CYS B 140 15.47 7.41 -53.73
C CYS B 140 16.98 7.59 -54.06
N GLY B 141 17.63 8.47 -53.27
CA GLY B 141 19.05 8.76 -53.44
C GLY B 141 19.87 8.26 -52.27
N ILE B 142 20.41 7.05 -52.43
CA ILE B 142 21.20 6.42 -51.37
C ILE B 142 22.71 6.55 -51.57
N PRO B 143 23.39 7.26 -50.65
CA PRO B 143 24.84 7.51 -50.63
C PRO B 143 25.56 6.20 -50.44
N ILE B 144 26.83 6.16 -50.83
CA ILE B 144 27.60 4.93 -50.65
C ILE B 144 28.97 5.38 -50.09
N THR B 145 29.11 5.29 -48.77
CA THR B 145 30.36 5.68 -48.12
C THR B 145 31.48 4.69 -48.43
N ASP B 146 32.63 4.94 -47.83
CA ASP B 146 33.82 4.13 -47.97
C ASP B 146 33.79 2.85 -47.09
N THR B 147 33.61 3.05 -45.79
CA THR B 147 33.59 1.92 -44.84
C THR B 147 32.18 1.36 -44.54
N GLY B 148 31.27 1.53 -45.49
CA GLY B 148 29.92 1.02 -45.30
C GLY B 148 29.13 1.75 -44.22
N ARG B 149 29.85 2.45 -43.34
CA ARG B 149 29.22 3.19 -42.25
C ARG B 149 29.54 4.68 -42.41
N MET B 150 28.58 5.50 -42.00
CA MET B 150 28.67 6.93 -42.16
C MET B 150 29.80 7.67 -41.41
N GLY B 151 30.99 7.10 -41.42
CA GLY B 151 32.07 7.76 -40.73
C GLY B 151 33.08 8.36 -41.72
N SER B 152 33.50 7.52 -42.66
CA SER B 152 34.51 7.84 -43.68
C SER B 152 34.14 8.53 -45.00
N ARG B 153 35.12 8.47 -45.91
CA ARG B 153 35.04 9.03 -47.25
C ARG B 153 33.79 8.69 -48.06
N LEU B 154 33.27 9.69 -48.79
CA LEU B 154 32.09 9.48 -49.63
C LEU B 154 32.55 8.93 -50.98
N VAL B 155 31.98 7.83 -51.48
CA VAL B 155 32.46 7.27 -52.75
C VAL B 155 31.34 6.88 -53.74
N GLY B 156 30.15 7.47 -53.58
CA GLY B 156 29.09 7.12 -54.52
C GLY B 156 27.63 7.37 -54.13
N ILE B 157 26.73 6.96 -55.04
CA ILE B 157 25.28 7.10 -54.86
C ILE B 157 24.56 6.12 -55.79
N ILE B 158 23.23 6.00 -55.62
CA ILE B 158 22.38 5.11 -56.43
C ILE B 158 20.88 5.31 -56.09
N SER B 159 20.03 5.14 -57.02
N ILE B 178 28.32 0.41 -60.06
CA ILE B 178 27.26 1.12 -60.84
C ILE B 178 26.73 2.34 -60.07
N MET B 179 27.62 3.29 -59.79
CA MET B 179 27.23 4.49 -59.04
C MET B 179 27.90 5.71 -59.64
N THR B 180 27.73 6.84 -58.98
CA THR B 180 28.30 8.10 -59.45
C THR B 180 29.58 8.29 -58.57
N LYS B 181 30.77 8.13 -59.17
CA LYS B 181 32.04 8.20 -58.41
C LYS B 181 32.67 9.45 -57.70
N ARG B 182 31.88 10.49 -57.45
CA ARG B 182 32.40 11.66 -56.75
C ARG B 182 33.33 12.50 -57.72
N GLU B 183 33.01 12.43 -59.02
CA GLU B 183 33.68 13.12 -60.14
C GLU B 183 33.14 14.53 -60.32
N ASP B 184 31.97 14.66 -60.97
CA ASP B 184 31.37 16.00 -61.18
C ASP B 184 30.00 16.06 -60.52
N LEU B 185 29.89 15.15 -59.54
CA LEU B 185 28.78 14.92 -58.61
C LEU B 185 28.73 16.02 -57.53
N VAL B 186 27.61 16.74 -57.42
CA VAL B 186 27.56 17.81 -56.41
C VAL B 186 27.54 17.31 -54.93
N VAL B 187 28.47 17.89 -54.17
CA VAL B 187 28.67 17.61 -52.75
C VAL B 187 28.88 18.92 -52.01
N ALA B 188 28.20 19.11 -50.88
CA ALA B 188 28.38 20.38 -50.18
C ALA B 188 29.24 20.33 -48.93
N PRO B 189 30.07 21.37 -48.73
CA PRO B 189 30.95 21.46 -47.56
C PRO B 189 30.06 21.62 -46.35
N ALA B 190 30.50 21.03 -45.25
CA ALA B 190 29.76 21.09 -43.99
C ALA B 190 29.78 22.53 -43.49
N GLY B 191 28.62 23.17 -43.48
CA GLY B 191 28.53 24.54 -43.01
C GLY B 191 27.43 25.40 -43.63
N ILE B 192 27.02 25.08 -44.86
CA ILE B 192 25.98 25.86 -45.53
C ILE B 192 24.63 25.88 -44.83
N THR B 193 23.90 26.98 -44.99
CA THR B 193 22.57 27.09 -44.38
C THR B 193 21.62 26.20 -45.16
N LEU B 194 20.71 25.51 -44.46
CA LEU B 194 19.75 24.64 -45.15
C LEU B 194 19.13 25.35 -46.36
N LYS B 195 18.83 26.63 -46.17
CA LYS B 195 18.27 27.53 -47.19
C LYS B 195 19.08 27.45 -48.50
N GLU B 196 20.38 27.73 -48.40
CA GLU B 196 21.28 27.67 -49.55
C GLU B 196 21.23 26.30 -50.21
N ALA B 197 21.35 25.25 -49.40
CA ALA B 197 21.31 23.85 -49.85
C ALA B 197 20.05 23.55 -50.65
N ASN B 198 18.94 24.10 -50.18
CA ASN B 198 17.65 23.94 -50.83
C ASN B 198 17.81 24.49 -52.24
N GLU B 199 18.35 25.70 -52.31
CA GLU B 199 18.62 26.38 -53.56
C GLU B 199 19.47 25.54 -54.48
N ILE B 200 20.66 25.14 -54.03
CA ILE B 200 21.51 24.31 -54.88
C ILE B 200 20.62 23.21 -55.46
N LEU B 201 19.61 22.82 -54.68
CA LEU B 201 18.66 21.77 -55.08
C LEU B 201 17.72 22.25 -56.19
N GLN B 202 17.68 23.58 -56.38
CA GLN B 202 16.89 24.28 -57.42
C GLN B 202 16.94 23.44 -58.69
N ARG B 203 18.16 22.99 -59.02
CA ARG B 203 18.44 22.19 -60.20
C ARG B 203 17.43 21.04 -60.41
N SER B 204 17.46 20.02 -59.54
CA SER B 204 16.54 18.89 -59.65
C SER B 204 16.96 17.74 -58.74
N LYS B 205 18.21 17.32 -58.88
CA LYS B 205 18.81 16.23 -58.10
C LYS B 205 18.50 16.40 -56.60
N LYS B 206 17.58 17.32 -56.31
CA LYS B 206 17.09 17.63 -54.97
C LYS B 206 16.89 16.38 -54.10
N GLY B 207 16.40 16.62 -52.87
CA GLY B 207 16.17 15.53 -51.94
C GLY B 207 17.48 15.05 -51.33
N LYS B 208 18.55 14.99 -52.10
CA LYS B 208 19.82 14.52 -51.54
C LYS B 208 21.08 15.31 -51.88
N LEU B 209 21.52 16.13 -50.93
CA LEU B 209 22.74 16.91 -51.10
C LEU B 209 23.70 16.48 -50.01
N PRO B 210 24.50 15.43 -50.25
CA PRO B 210 25.47 14.98 -49.25
C PRO B 210 26.41 16.06 -48.73
N ILE B 211 26.53 16.17 -47.41
CA ILE B 211 27.43 17.17 -46.81
C ILE B 211 28.75 16.48 -46.46
N VAL B 212 29.83 17.26 -46.42
CA VAL B 212 31.13 16.69 -46.11
C VAL B 212 32.03 17.61 -45.28
N ASN B 213 32.91 17.00 -44.48
CA ASN B 213 33.81 17.80 -43.67
C ASN B 213 35.00 18.22 -44.51
N GLU B 214 36.02 18.74 -43.83
CA GLU B 214 37.24 19.21 -44.47
C GLU B 214 37.89 18.08 -45.27
N ASP B 215 37.33 16.88 -45.16
CA ASP B 215 37.83 15.69 -45.86
C ASP B 215 36.57 15.13 -46.47
N ASP B 216 36.69 14.35 -47.55
CA ASP B 216 35.49 13.81 -48.15
C ASP B 216 34.78 12.70 -47.35
N GLU B 217 34.43 13.01 -46.10
CA GLU B 217 33.72 12.10 -45.21
C GLU B 217 32.31 12.70 -45.13
N LEU B 218 31.31 11.85 -45.23
CA LEU B 218 29.92 12.29 -45.23
C LEU B 218 29.32 12.68 -43.88
N VAL B 219 29.76 13.81 -43.33
CA VAL B 219 29.23 14.28 -42.05
C VAL B 219 27.69 14.24 -41.97
N ALA B 220 26.99 14.25 -43.10
CA ALA B 220 25.52 14.21 -43.08
C ALA B 220 24.87 14.24 -44.48
N ILE B 221 23.55 14.44 -44.52
CA ILE B 221 22.83 14.52 -45.79
C ILE B 221 21.62 15.42 -45.62
N ILE B 222 21.34 16.21 -46.65
CA ILE B 222 20.20 17.12 -46.59
C ILE B 222 19.14 16.82 -47.63
N ALA B 223 17.98 16.42 -47.13
CA ALA B 223 16.84 16.09 -47.99
C ALA B 223 15.99 17.34 -48.26
N ARG B 224 15.50 17.44 -49.50
CA ARG B 224 14.65 18.56 -49.94
C ARG B 224 13.57 18.88 -48.87
N THR B 225 13.12 20.14 -48.79
CA THR B 225 12.13 20.55 -47.77
C THR B 225 10.64 20.13 -47.91
N ASP B 226 10.22 19.61 -49.07
CA ASP B 226 8.79 19.30 -49.24
C ASP B 226 8.49 17.98 -49.97
N LEU B 227 9.30 16.94 -49.70
CA LEU B 227 9.10 15.65 -50.39
C LEU B 227 9.82 14.57 -49.54
N LYS B 228 10.42 15.11 -48.49
CA LYS B 228 11.24 14.44 -47.51
C LYS B 228 10.84 13.06 -46.89
N LYS B 229 10.35 13.04 -45.63
CA LYS B 229 9.97 11.79 -44.88
C LYS B 229 9.24 10.58 -45.53
N ASN B 230 9.14 9.47 -44.77
CA ASN B 230 8.40 8.22 -45.11
C ASN B 230 7.86 7.59 -43.79
N ARG B 231 8.82 7.28 -42.92
CA ARG B 231 8.58 6.65 -41.60
C ARG B 231 8.14 7.65 -40.51
N ASP B 232 6.97 7.44 -39.92
CA ASP B 232 6.55 8.38 -38.86
C ASP B 232 6.80 7.90 -37.43
N TYR B 233 6.98 8.88 -36.55
CA TYR B 233 7.23 8.64 -35.13
C TYR B 233 6.21 9.43 -34.32
N PRO B 234 5.03 8.83 -34.13
CA PRO B 234 3.90 9.41 -33.38
C PRO B 234 4.20 9.84 -31.95
N LEU B 235 5.27 9.30 -31.36
CA LEU B 235 5.64 9.66 -30.00
C LEU B 235 6.64 10.81 -29.95
N ALA B 236 7.39 10.97 -31.04
CA ALA B 236 8.39 12.02 -31.21
C ALA B 236 8.22 13.21 -30.28
N SER B 237 9.27 13.58 -29.55
CA SER B 237 9.20 14.71 -28.62
C SER B 237 9.66 15.98 -29.34
N LYS B 238 8.72 16.88 -29.63
CA LYS B 238 9.04 18.11 -30.35
C LYS B 238 8.73 19.41 -29.59
N ASP B 239 9.33 20.50 -30.06
CA ASP B 239 9.09 21.82 -29.47
C ASP B 239 7.88 22.38 -30.18
N ALA B 240 7.48 23.58 -29.79
CA ALA B 240 6.32 24.23 -30.42
C ALA B 240 6.39 24.26 -31.95
N LYS B 241 7.61 24.17 -32.48
CA LYS B 241 7.82 24.24 -33.92
C LYS B 241 8.27 22.93 -34.59
N LYS B 242 7.57 21.84 -34.28
CA LYS B 242 7.85 20.53 -34.88
C LYS B 242 9.31 20.04 -34.83
N GLN B 243 10.13 20.62 -33.95
CA GLN B 243 11.53 20.21 -33.82
C GLN B 243 11.72 19.22 -32.66
N LEU B 244 12.63 18.27 -32.84
CA LEU B 244 12.94 17.32 -31.78
C LEU B 244 13.44 18.16 -30.59
N LEU B 245 13.29 17.66 -29.38
CA LEU B 245 13.76 18.40 -28.21
C LEU B 245 15.21 18.00 -27.92
N CYS B 246 15.96 18.94 -27.38
CA CYS B 246 17.35 18.70 -27.04
C CYS B 246 17.62 19.41 -25.73
N GLY B 247 18.50 18.83 -24.93
CA GLY B 247 18.85 19.43 -23.66
C GLY B 247 20.35 19.21 -23.54
N ALA B 248 21.00 19.90 -22.60
CA ALA B 248 22.45 19.77 -22.45
C ALA B 248 22.93 20.26 -21.11
N ALA B 249 24.03 19.66 -20.66
CA ALA B 249 24.60 20.01 -19.37
C ALA B 249 25.62 21.13 -19.45
N ILE B 250 25.72 21.92 -18.38
CA ILE B 250 26.67 23.03 -18.28
C ILE B 250 27.15 23.11 -16.83
N GLY B 251 28.32 23.70 -16.60
CA GLY B 251 28.85 23.86 -15.25
C GLY B 251 28.24 25.04 -14.54
N THR B 252 28.79 25.44 -13.40
CA THR B 252 28.21 26.56 -12.68
C THR B 252 29.26 27.63 -12.40
N HIS B 253 30.34 27.61 -13.17
CA HIS B 253 31.39 28.60 -13.02
C HIS B 253 31.17 29.62 -14.14
N GLU B 254 31.85 30.75 -14.01
CA GLU B 254 31.79 31.83 -14.97
C GLU B 254 31.90 31.43 -16.42
N ASP B 255 33.00 30.78 -16.78
CA ASP B 255 33.22 30.38 -18.17
C ASP B 255 32.10 29.57 -18.76
N ASP B 256 31.17 29.16 -17.92
CA ASP B 256 30.06 28.37 -18.41
C ASP B 256 29.00 29.26 -19.04
N LYS B 257 28.88 30.49 -18.51
CA LYS B 257 27.91 31.46 -19.02
C LYS B 257 28.05 31.67 -20.53
N TYR B 258 29.29 31.60 -21.02
CA TYR B 258 29.53 31.77 -22.47
C TYR B 258 29.07 30.52 -23.22
N ARG B 259 29.39 29.36 -22.66
CA ARG B 259 29.00 28.08 -23.25
C ARG B 259 27.50 28.18 -23.39
N LEU B 260 26.88 28.57 -22.28
CA LEU B 260 25.44 28.72 -22.19
C LEU B 260 24.86 29.51 -23.35
N ASP B 261 25.43 30.68 -23.64
CA ASP B 261 24.90 31.47 -24.77
C ASP B 261 24.95 30.69 -26.07
N LEU B 262 26.09 30.05 -26.33
CA LEU B 262 26.21 29.29 -27.58
C LEU B 262 25.11 28.26 -27.66
N LEU B 263 24.82 27.63 -26.52
CA LEU B 263 23.78 26.58 -26.46
C LEU B 263 22.40 27.18 -26.69
N ALA B 264 22.07 28.25 -25.96
CA ALA B 264 20.79 28.91 -26.12
C ALA B 264 20.57 29.24 -27.60
N GLN B 265 21.65 29.63 -28.28
CA GLN B 265 21.63 29.98 -29.70
C GLN B 265 21.33 28.82 -30.63
N ALA B 266 21.82 27.62 -30.29
CA ALA B 266 21.56 26.49 -31.15
C ALA B 266 20.12 26.02 -30.97
N GLY B 267 19.40 26.70 -30.09
CA GLY B 267 18.01 26.36 -29.83
C GLY B 267 17.77 25.25 -28.82
N VAL B 268 18.60 25.20 -27.77
CA VAL B 268 18.47 24.17 -26.75
C VAL B 268 17.16 24.44 -25.98
N ASP B 269 16.45 23.37 -25.63
CA ASP B 269 15.18 23.50 -24.94
C ASP B 269 15.33 23.60 -23.43
N VAL B 270 16.21 22.75 -22.89
CA VAL B 270 16.49 22.71 -21.45
C VAL B 270 17.97 22.58 -21.14
N VAL B 271 18.31 23.05 -19.95
CA VAL B 271 19.67 23.01 -19.46
C VAL B 271 19.72 22.40 -18.08
N VAL B 272 20.69 21.54 -17.82
CA VAL B 272 20.81 20.94 -16.50
C VAL B 272 22.15 21.29 -15.85
N LEU B 273 22.09 22.03 -14.76
CA LEU B 273 23.30 22.40 -14.04
C LEU B 273 23.85 21.07 -13.55
N ASP B 274 24.96 20.66 -14.16
CA ASP B 274 25.61 19.38 -13.89
C ASP B 274 26.58 19.42 -12.70
N SER B 275 26.23 18.76 -11.61
CA SER B 275 27.08 18.75 -10.42
C SER B 275 26.74 17.64 -9.46
N SER B 276 27.77 17.02 -8.87
CA SER B 276 27.57 15.92 -7.94
C SER B 276 26.98 16.35 -6.61
N GLN B 277 26.80 17.64 -6.41
CA GLN B 277 26.23 18.12 -5.16
C GLN B 277 25.72 19.51 -5.51
N GLY B 278 24.40 19.64 -5.65
CA GLY B 278 23.83 20.91 -6.05
C GLY B 278 23.50 21.98 -5.03
N ASN B 279 23.35 21.64 -3.76
CA ASN B 279 22.98 22.66 -2.80
C ASN B 279 24.15 23.60 -2.46
N SER B 280 24.53 24.42 -3.44
CA SER B 280 25.61 25.38 -3.26
C SER B 280 25.17 26.79 -3.68
N ILE B 281 25.93 27.78 -3.21
CA ILE B 281 25.63 29.16 -3.56
C ILE B 281 26.01 29.36 -5.03
N PHE B 282 26.94 28.54 -5.51
CA PHE B 282 27.35 28.64 -6.89
C PHE B 282 26.23 28.25 -7.83
N GLN B 283 25.39 27.31 -7.42
CA GLN B 283 24.32 26.91 -8.32
C GLN B 283 23.11 27.81 -8.15
N ILE B 284 22.87 28.22 -6.91
CA ILE B 284 21.75 29.10 -6.64
C ILE B 284 21.86 30.36 -7.50
N ASN B 285 23.04 30.97 -7.51
CA ASN B 285 23.26 32.18 -8.30
C ASN B 285 23.19 31.95 -9.80
N MET B 286 23.72 30.80 -10.25
CA MET B 286 23.71 30.48 -11.67
C MET B 286 22.28 30.30 -12.10
N ILE B 287 21.43 29.86 -11.17
CA ILE B 287 20.01 29.67 -11.44
C ILE B 287 19.40 31.05 -11.65
N LYS B 288 19.39 31.83 -10.58
CA LYS B 288 18.85 33.18 -10.64
C LYS B 288 19.31 33.89 -11.91
N TYR B 289 20.55 33.63 -12.32
CA TYR B 289 21.08 34.23 -13.54
C TYR B 289 20.34 33.78 -14.80
N ILE B 290 20.36 32.48 -15.09
CA ILE B 290 19.71 31.92 -16.27
C ILE B 290 18.24 32.28 -16.31
N LYS B 291 17.59 32.18 -15.15
CA LYS B 291 16.16 32.45 -15.01
C LYS B 291 15.83 33.77 -15.70
N ASP B 292 16.64 34.77 -15.37
CA ASP B 292 16.55 36.14 -15.87
C ASP B 292 16.98 36.27 -17.34
N LYS B 293 18.29 36.22 -17.60
CA LYS B 293 18.83 36.34 -18.95
C LYS B 293 18.17 35.44 -20.00
N TYR B 294 17.28 34.53 -19.60
CA TYR B 294 16.62 33.62 -20.55
C TYR B 294 15.26 33.08 -20.07
N PRO B 295 14.28 33.96 -19.88
CA PRO B 295 12.94 33.58 -19.40
C PRO B 295 12.23 32.36 -20.02
N ASN B 296 12.48 32.07 -21.30
CA ASN B 296 11.82 30.91 -21.93
C ASN B 296 12.73 29.69 -22.10
N LEU B 297 13.58 29.46 -21.10
CA LEU B 297 14.52 28.34 -21.08
C LEU B 297 14.26 27.64 -19.75
N GLN B 298 14.06 26.32 -19.79
CA GLN B 298 13.77 25.52 -18.59
C GLN B 298 15.04 25.04 -17.89
N VAL B 299 15.17 25.34 -16.59
CA VAL B 299 16.35 24.95 -15.80
C VAL B 299 16.12 23.78 -14.84
N ILE B 300 17.06 22.83 -14.82
CA ILE B 300 17.03 21.62 -14.00
C ILE B 300 18.18 21.57 -12.98
N GLY B 301 17.83 21.67 -11.69
CA GLY B 301 18.82 21.67 -10.61
C GLY B 301 19.76 20.50 -10.37
N GLY B 302 21.02 20.82 -10.06
CA GLY B 302 22.11 19.86 -9.79
C GLY B 302 21.68 18.70 -8.93
N ASN B 303 22.50 17.68 -8.75
CA ASN B 303 22.05 16.52 -7.96
C ASN B 303 21.84 16.68 -6.45
N VAL B 304 20.66 16.31 -5.98
CA VAL B 304 20.35 16.39 -4.57
C VAL B 304 19.73 15.07 -4.10
N VAL B 305 19.71 14.85 -2.78
CA VAL B 305 19.15 13.63 -2.21
C VAL B 305 18.30 13.90 -0.97
N THR B 306 18.09 15.17 -0.65
CA THR B 306 17.28 15.51 0.50
C THR B 306 16.36 16.69 0.19
N ALA B 307 15.31 16.82 0.98
CA ALA B 307 14.36 17.89 0.78
C ALA B 307 14.98 19.16 1.33
N ALA B 308 15.96 19.03 2.22
CA ALA B 308 16.62 20.21 2.75
C ALA B 308 17.40 20.90 1.63
N GLN B 309 17.96 20.10 0.71
CA GLN B 309 18.69 20.62 -0.43
C GLN B 309 17.69 21.21 -1.43
N ALA B 310 16.76 20.37 -1.86
CA ALA B 310 15.72 20.77 -2.82
C ALA B 310 15.11 22.14 -2.54
N LYS B 311 14.73 22.40 -1.30
CA LYS B 311 14.14 23.69 -0.95
C LYS B 311 14.86 24.90 -1.57
N ASN B 312 16.17 24.98 -1.37
CA ASN B 312 16.99 26.06 -1.90
C ASN B 312 17.00 26.18 -3.43
N LEU B 313 17.06 25.05 -4.12
CA LEU B 313 17.07 25.06 -5.57
C LEU B 313 15.72 25.44 -6.16
N ILE B 314 14.66 25.14 -5.41
CA ILE B 314 13.29 25.49 -5.82
C ILE B 314 13.09 27.00 -5.63
N ASP B 315 13.62 27.54 -4.53
CA ASP B 315 13.49 28.98 -4.28
C ASP B 315 14.35 29.80 -5.24
N ALA B 316 15.45 29.23 -5.71
CA ALA B 316 16.27 29.95 -6.66
C ALA B 316 15.39 30.00 -7.89
N GLY B 317 14.52 29.00 -8.01
CA GLY B 317 13.60 28.96 -9.13
C GLY B 317 13.78 27.90 -10.20
N VAL B 318 14.31 26.73 -9.86
CA VAL B 318 14.48 25.66 -10.85
C VAL B 318 13.11 25.21 -11.35
N ASP B 319 13.09 24.49 -12.47
CA ASP B 319 11.83 23.99 -13.00
C ASP B 319 11.81 22.47 -12.98
N ALA B 320 12.74 21.87 -12.24
CA ALA B 320 12.84 20.42 -12.11
C ALA B 320 13.98 20.09 -11.17
N LEU B 321 14.16 18.81 -10.88
CA LEU B 321 15.23 18.35 -9.99
C LEU B 321 15.82 17.00 -10.41
N ARG B 322 17.13 16.88 -10.20
CA ARG B 322 17.87 15.67 -10.55
C ARG B 322 18.30 15.03 -9.23
N VAL B 323 17.68 13.90 -8.89
CA VAL B 323 17.97 13.23 -7.63
C VAL B 323 18.91 12.03 -7.76
N GLY B 324 19.98 12.03 -6.96
CA GLY B 324 20.93 10.93 -7.00
C GLY B 324 22.36 11.27 -6.62
N MET B 325 22.84 10.65 -5.53
CA MET B 325 24.20 10.89 -5.06
C MET B 325 24.78 9.69 -4.32
N GLY B 326 25.52 8.86 -5.05
CA GLY B 326 26.10 7.68 -4.46
C GLY B 326 25.61 6.51 -5.26
N SER B 327 25.42 6.76 -6.55
CA SER B 327 24.95 5.72 -7.42
C SER B 327 25.35 6.00 -8.82
N GLY B 328 25.00 5.08 -9.69
CA GLY B 328 25.36 5.29 -11.06
C GLY B 328 26.82 4.94 -11.24
N SER B 329 27.17 4.79 -12.50
CA SER B 329 28.51 4.44 -12.94
C SER B 329 29.59 5.21 -12.19
N ILE B 330 30.77 4.60 -12.08
CA ILE B 330 31.91 5.25 -11.45
C ILE B 330 32.81 5.59 -12.64
N CYS B 331 33.25 6.84 -12.75
CA CYS B 331 34.07 7.16 -13.93
C CYS B 331 35.55 7.48 -13.79
N ILE B 332 35.99 8.20 -12.74
CA ILE B 332 37.44 8.49 -12.65
C ILE B 332 37.86 9.54 -11.61
N THR B 333 36.97 10.49 -11.34
CA THR B 333 37.29 11.56 -10.39
C THR B 333 36.40 11.50 -9.14
N GLN B 334 35.84 10.31 -8.85
CA GLN B 334 34.96 10.16 -7.67
C GLN B 334 33.97 8.98 -7.71
N GLU B 335 33.13 8.98 -6.68
CA GLU B 335 32.02 8.06 -6.44
C GLU B 335 31.70 7.96 -4.92
N VAL B 336 32.45 7.16 -4.19
CA VAL B 336 32.18 7.02 -2.75
C VAL B 336 33.07 7.91 -1.91
N LEU B 337 32.53 9.08 -1.57
CA LEU B 337 33.27 10.04 -0.76
C LEU B 337 32.87 10.00 0.69
N ALA B 338 31.60 9.73 0.99
CA ALA B 338 31.15 9.67 2.37
C ALA B 338 29.73 10.16 2.40
N CYS B 339 29.49 11.23 1.66
CA CYS B 339 28.16 11.78 1.59
C CYS B 339 27.42 11.07 0.47
N GLY B 340 26.17 10.73 0.74
CA GLY B 340 25.35 10.06 -0.26
C GLY B 340 24.06 9.57 0.32
N ARG B 341 23.36 8.72 -0.40
CA ARG B 341 22.13 8.18 0.12
C ARG B 341 21.64 7.09 -0.81
N PRO B 342 21.02 6.03 -0.27
CA PRO B 342 20.51 4.96 -1.13
C PRO B 342 19.48 5.58 -2.08
N GLN B 343 19.50 5.19 -3.33
CA GLN B 343 18.60 5.76 -4.33
C GLN B 343 17.10 5.80 -4.07
N ALA B 344 16.49 4.64 -3.85
CA ALA B 344 15.05 4.56 -3.61
C ALA B 344 14.60 5.53 -2.54
N THR B 345 15.17 5.43 -1.36
CA THR B 345 14.79 6.35 -0.30
C THR B 345 15.07 7.80 -0.68
N ALA B 346 16.05 8.04 -1.53
CA ALA B 346 16.34 9.43 -1.90
C ALA B 346 15.29 9.98 -2.85
N VAL B 347 14.84 9.14 -3.78
CA VAL B 347 13.80 9.50 -4.73
C VAL B 347 12.53 9.77 -3.93
N TYR B 348 12.09 8.78 -3.16
CA TYR B 348 10.90 8.91 -2.34
C TYR B 348 10.84 10.23 -1.59
N LYS B 349 11.91 10.53 -0.87
CA LYS B 349 12.00 11.73 -0.08
C LYS B 349 12.01 13.06 -0.83
N VAL B 350 12.80 13.15 -1.88
CA VAL B 350 12.85 14.40 -2.61
C VAL B 350 11.58 14.63 -3.43
N SER B 351 10.95 13.56 -3.92
CA SER B 351 9.72 13.71 -4.68
C SER B 351 8.56 14.18 -3.83
N GLU B 352 8.42 13.61 -2.64
CA GLU B 352 7.32 13.98 -1.75
C GLU B 352 7.31 15.48 -1.52
N TYR B 353 8.49 16.04 -1.30
CA TYR B 353 8.61 17.47 -1.03
C TYR B 353 8.36 18.28 -2.30
N ALA B 354 9.10 17.94 -3.35
CA ALA B 354 9.01 18.61 -4.64
C ALA B 354 7.58 18.76 -5.13
N ARG B 355 6.84 17.65 -5.22
CA ARG B 355 5.45 17.71 -5.68
C ARG B 355 4.64 18.84 -5.10
N ARG B 356 4.86 19.13 -3.82
CA ARG B 356 4.16 20.19 -3.12
C ARG B 356 4.42 21.57 -3.74
N PHE B 357 5.37 21.63 -4.67
CA PHE B 357 5.70 22.89 -5.33
C PHE B 357 5.73 22.69 -6.84
N GLY B 358 5.00 21.70 -7.33
CA GLY B 358 4.95 21.44 -8.76
C GLY B 358 6.31 21.42 -9.44
N VAL B 359 7.25 20.67 -8.89
CA VAL B 359 8.58 20.56 -9.46
C VAL B 359 8.86 19.09 -9.69
N PRO B 360 8.96 18.66 -10.96
CA PRO B 360 9.23 17.25 -11.30
C PRO B 360 10.61 16.80 -10.80
N VAL B 361 10.76 15.50 -10.60
CA VAL B 361 12.00 14.87 -10.13
C VAL B 361 12.51 13.83 -11.10
N ILE B 362 13.80 13.90 -11.44
CA ILE B 362 14.40 12.93 -12.35
C ILE B 362 15.21 11.93 -11.54
N ALA B 363 14.86 10.66 -11.64
CA ALA B 363 15.58 9.64 -10.89
C ALA B 363 16.85 9.36 -11.63
N ASP B 364 17.96 9.82 -11.08
CA ASP B 364 19.25 9.67 -11.73
C ASP B 364 20.29 8.71 -11.13
N GLY B 365 20.55 7.61 -11.83
CA GLY B 365 21.52 6.63 -11.37
C GLY B 365 20.97 5.31 -10.85
N GLY B 366 21.68 4.22 -11.13
CA GLY B 366 21.25 2.93 -10.64
C GLY B 366 20.23 2.13 -11.46
N ILE B 367 19.71 2.70 -12.53
CA ILE B 367 18.76 1.97 -13.31
C ILE B 367 19.48 0.89 -14.09
N GLN B 368 19.15 -0.37 -13.81
CA GLN B 368 19.78 -1.50 -14.47
C GLN B 368 18.85 -2.34 -15.33
N ASN B 369 17.55 -2.22 -15.11
CA ASN B 369 16.57 -2.97 -15.88
C ASN B 369 15.21 -2.33 -15.72
N VAL B 370 14.28 -2.78 -16.55
CA VAL B 370 12.92 -2.26 -16.55
C VAL B 370 12.37 -2.12 -15.15
N GLY B 371 12.56 -3.17 -14.35
CA GLY B 371 12.08 -3.17 -12.98
C GLY B 371 12.41 -1.90 -12.24
N HIS B 372 13.70 -1.59 -12.15
CA HIS B 372 14.12 -0.40 -11.44
C HIS B 372 13.35 0.81 -11.92
N ILE B 373 13.19 0.93 -13.24
CA ILE B 373 12.47 2.08 -13.79
C ILE B 373 11.11 2.17 -13.17
N ALA B 374 10.38 1.07 -13.22
CA ALA B 374 9.04 1.06 -12.67
C ALA B 374 9.06 1.48 -11.21
N LYS B 375 9.93 0.86 -10.43
CA LYS B 375 10.02 1.19 -9.01
C LYS B 375 10.31 2.67 -8.78
N ALA B 376 11.22 3.23 -9.58
CA ALA B 376 11.60 4.63 -9.46
C ALA B 376 10.44 5.56 -9.69
N LEU B 377 9.68 5.30 -10.76
CA LEU B 377 8.53 6.12 -11.08
C LEU B 377 7.48 5.95 -9.99
N ALA B 378 7.30 4.72 -9.53
CA ALA B 378 6.33 4.40 -8.49
C ALA B 378 6.60 5.09 -7.16
N LEU B 379 7.84 5.51 -6.94
CA LEU B 379 8.20 6.15 -5.70
C LEU B 379 8.00 7.64 -5.71
N GLY B 380 7.70 8.18 -6.89
CA GLY B 380 7.46 9.61 -6.99
C GLY B 380 8.13 10.32 -8.16
N ALA B 381 9.13 9.67 -8.75
CA ALA B 381 9.84 10.28 -9.87
C ALA B 381 8.93 10.43 -11.07
N SER B 382 9.07 11.55 -11.77
CA SER B 382 8.29 11.84 -12.97
C SER B 382 8.98 11.22 -14.16
N THR B 383 10.31 11.30 -14.17
CA THR B 383 11.12 10.69 -15.24
C THR B 383 12.32 9.96 -14.66
N VAL B 384 13.04 9.29 -15.54
CA VAL B 384 14.19 8.51 -15.12
C VAL B 384 15.34 8.60 -16.11
N MET B 385 16.49 9.00 -15.60
CA MET B 385 17.70 9.16 -16.40
C MET B 385 18.58 7.90 -16.38
N MET B 386 19.05 7.51 -17.55
CA MET B 386 19.86 6.33 -17.68
C MET B 386 21.21 6.63 -18.26
N GLY B 387 22.24 6.00 -17.71
CA GLY B 387 23.57 6.19 -18.21
C GLY B 387 24.02 4.88 -18.81
N SER B 388 24.73 4.11 -18.00
CA SER B 388 25.28 2.82 -18.39
C SER B 388 24.32 1.87 -19.11
N LEU B 389 23.07 1.82 -18.67
CA LEU B 389 22.13 0.92 -19.31
C LEU B 389 21.99 1.21 -20.80
N LEU B 390 22.41 2.38 -21.23
CA LEU B 390 22.31 2.77 -22.65
C LEU B 390 23.64 2.74 -23.41
N ALA B 391 24.73 3.08 -22.71
CA ALA B 391 26.07 3.12 -23.31
C ALA B 391 26.29 2.08 -24.39
N ALA B 392 25.64 0.93 -24.24
CA ALA B 392 25.80 -0.15 -25.19
C ALA B 392 24.89 -0.12 -26.42
N THR B 393 24.19 0.97 -26.67
CA THR B 393 23.36 0.99 -27.88
C THR B 393 24.23 1.54 -28.99
N THR B 394 23.74 1.46 -30.22
CA THR B 394 24.48 1.94 -31.37
C THR B 394 24.63 3.47 -31.38
N GLU B 395 23.55 4.18 -31.10
CA GLU B 395 23.58 5.64 -31.10
C GLU B 395 24.59 6.18 -30.09
N ALA B 396 25.25 5.30 -29.36
CA ALA B 396 26.24 5.74 -28.38
C ALA B 396 27.59 6.05 -29.02
N PRO B 397 28.23 7.15 -28.61
CA PRO B 397 29.53 7.48 -29.18
C PRO B 397 30.51 6.35 -28.91
N GLY B 398 30.95 5.67 -29.98
CA GLY B 398 31.90 4.55 -29.83
C GLY B 398 32.31 3.85 -31.13
N GLU B 399 33.13 2.78 -31.02
CA GLU B 399 33.59 2.05 -32.22
C GLU B 399 32.47 2.02 -33.26
N TYR B 400 31.46 1.30 -33.01
N ASP B 449 27.11 -5.90 -27.17
CA ASP B 449 25.69 -5.91 -26.68
C ASP B 449 24.57 -5.41 -27.64
N LYS B 450 23.54 -4.84 -27.03
CA LYS B 450 22.35 -4.33 -27.74
C LYS B 450 22.52 -3.64 -29.09
N GLY B 451 21.36 -3.36 -29.70
CA GLY B 451 21.31 -2.72 -31.00
C GLY B 451 21.05 -1.23 -30.98
N SER B 452 20.06 -0.79 -31.76
CA SER B 452 19.73 0.62 -31.86
C SER B 452 18.65 1.07 -30.89
N ILE B 453 18.78 2.29 -30.39
CA ILE B 453 17.79 2.86 -29.50
C ILE B 453 16.39 2.57 -30.04
N HIS B 454 16.24 2.68 -31.36
CA HIS B 454 14.97 2.43 -32.02
C HIS B 454 14.34 1.05 -31.79
N LYS B 455 15.06 0.14 -31.14
CA LYS B 455 14.54 -1.19 -30.82
C LYS B 455 14.50 -1.35 -29.30
N PHE B 456 15.48 -0.75 -28.64
CA PHE B 456 15.58 -0.85 -27.20
C PHE B 456 14.46 -0.05 -26.53
N VAL B 457 14.41 1.26 -26.78
CA VAL B 457 13.37 2.09 -26.18
C VAL B 457 11.97 1.48 -26.26
N PRO B 458 11.57 1.00 -27.44
CA PRO B 458 10.23 0.40 -27.54
C PRO B 458 10.09 -0.76 -26.53
N TYR B 459 11.16 -1.53 -26.38
CA TYR B 459 11.19 -2.65 -25.44
C TYR B 459 10.97 -2.17 -24.02
N LEU B 460 11.62 -1.08 -23.66
CA LEU B 460 11.50 -0.53 -22.32
C LEU B 460 10.09 -0.04 -22.08
N ILE B 461 9.50 0.59 -23.09
CA ILE B 461 8.15 1.12 -22.96
C ILE B 461 7.16 -0.04 -22.77
N ALA B 462 7.38 -1.11 -23.53
CA ALA B 462 6.51 -2.27 -23.44
C ALA B 462 6.56 -2.82 -22.03
N GLY B 463 7.77 -3.07 -21.52
CA GLY B 463 7.92 -3.59 -20.17
C GLY B 463 7.26 -2.70 -19.12
N ILE B 464 7.56 -1.42 -19.14
CA ILE B 464 6.98 -0.50 -18.16
C ILE B 464 5.48 -0.47 -18.11
N GLN B 465 4.82 -0.66 -19.24
CA GLN B 465 3.35 -0.65 -19.24
C GLN B 465 2.88 -1.92 -18.57
N HIS B 466 3.50 -3.02 -18.99
CA HIS B 466 3.17 -4.32 -18.44
C HIS B 466 3.33 -4.20 -16.93
N SER B 467 4.41 -3.53 -16.50
CA SER B 467 4.68 -3.34 -15.08
C SER B 467 3.51 -2.62 -14.44
N CYS B 468 3.01 -1.56 -15.10
CA CYS B 468 1.85 -0.80 -14.62
C CYS B 468 0.56 -1.66 -14.54
N GLN B 469 0.40 -2.56 -15.50
CA GLN B 469 -0.76 -3.46 -15.53
C GLN B 469 -0.78 -4.36 -14.29
N ASP B 470 0.32 -5.07 -14.06
CA ASP B 470 0.45 -5.96 -12.90
C ASP B 470 -0.02 -5.32 -11.60
N ILE B 471 0.22 -4.02 -11.43
CA ILE B 471 -0.22 -3.36 -10.21
C ILE B 471 -1.64 -2.81 -10.38
N GLY B 472 -2.11 -2.79 -11.62
CA GLY B 472 -3.47 -2.32 -11.86
C GLY B 472 -3.68 -0.86 -12.24
N ALA B 473 -2.58 -0.11 -12.40
CA ALA B 473 -2.65 1.30 -12.77
C ALA B 473 -2.71 1.50 -14.28
N LYS B 474 -3.40 2.55 -14.74
CA LYS B 474 -3.49 2.77 -16.17
C LYS B 474 -2.54 3.85 -16.68
N SER B 475 -2.10 4.71 -15.78
CA SER B 475 -1.18 5.77 -16.14
C SER B 475 -0.14 5.84 -15.03
N LEU B 476 1.00 6.47 -15.30
CA LEU B 476 2.03 6.61 -14.29
C LEU B 476 1.50 7.53 -13.20
N THR B 477 0.63 8.45 -13.61
CA THR B 477 0.04 9.43 -12.70
C THR B 477 -0.77 8.72 -11.62
N GLN B 478 -1.42 7.64 -12.03
CA GLN B 478 -2.25 6.85 -11.15
C GLN B 478 -1.41 6.04 -10.19
N VAL B 479 -0.24 5.58 -10.65
CA VAL B 479 0.67 4.81 -9.80
C VAL B 479 1.16 5.72 -8.68
N ARG B 480 1.54 6.94 -9.00
CA ARG B 480 2.03 7.80 -7.95
C ARG B 480 0.89 8.17 -7.01
N ALA B 481 -0.32 8.26 -7.54
CA ALA B 481 -1.47 8.62 -6.72
C ALA B 481 -1.75 7.49 -5.72
N MET B 482 -1.64 6.26 -6.19
CA MET B 482 -1.88 5.09 -5.37
C MET B 482 -0.85 4.90 -4.25
N MET B 483 0.42 5.20 -4.49
CA MET B 483 1.36 4.98 -3.40
C MET B 483 1.36 6.10 -2.38
N TYR B 484 0.78 7.24 -2.73
CA TYR B 484 0.69 8.38 -1.80
C TYR B 484 -0.59 8.31 -0.97
N SER B 485 -1.51 7.46 -1.43
CA SER B 485 -2.81 7.28 -0.79
C SER B 485 -2.75 6.08 0.16
N GLY B 486 -1.88 5.13 -0.16
CA GLY B 486 -1.74 3.94 0.65
C GLY B 486 -2.45 2.74 0.04
N GLU B 487 -2.82 2.85 -1.23
CA GLU B 487 -3.51 1.75 -1.88
C GLU B 487 -2.50 0.75 -2.44
N LEU B 488 -1.32 1.25 -2.77
CA LEU B 488 -0.23 0.46 -3.33
C LEU B 488 0.59 -0.09 -2.16
N LYS B 489 0.84 -1.40 -2.17
CA LYS B 489 1.57 -2.04 -1.09
C LYS B 489 2.95 -2.52 -1.45
N PHE B 490 3.88 -2.48 -0.50
CA PHE B 490 5.24 -2.95 -0.74
C PHE B 490 5.60 -4.10 0.20
N GLU B 491 6.86 -4.51 0.18
CA GLU B 491 7.37 -5.57 1.03
C GLU B 491 8.89 -5.70 0.89
N LYS B 492 9.60 -5.47 2.00
CA LYS B 492 11.06 -5.55 2.04
C LYS B 492 11.57 -6.97 1.86
N ARG B 493 12.74 -7.12 1.28
CA ARG B 493 13.32 -8.44 1.10
C ARG B 493 14.58 -8.47 1.96
N THR B 494 14.99 -9.64 2.42
CA THR B 494 16.23 -9.69 3.20
C THR B 494 17.38 -9.79 2.21
N SER B 495 18.59 -9.48 2.67
CA SER B 495 19.77 -9.57 1.80
C SER B 495 19.74 -10.95 1.10
N SER B 496 19.70 -11.99 1.94
CA SER B 496 19.60 -13.38 1.47
C SER B 496 18.42 -13.43 0.46
N ALA B 497 17.26 -12.92 0.90
CA ALA B 497 16.05 -12.89 0.07
C ALA B 497 16.42 -12.64 -1.39
N GLN B 498 17.25 -11.64 -1.64
CA GLN B 498 17.68 -11.33 -3.01
C GLN B 498 18.45 -12.50 -3.65
N VAL B 499 19.52 -12.85 -3.08
P CPR C . -21.13 -8.62 39.31
O1P CPR C . -21.98 -8.20 40.44
O2P CPR C . -19.92 -7.81 39.02
O3P CPR C . -21.89 -9.04 38.10
O5' CPR C . -20.36 -9.93 39.86
C5' CPR C . -20.90 -11.21 39.53
C4' CPR C . -19.92 -12.28 39.87
O4' CPR C . -19.35 -11.88 41.11
C3' CPR C . -20.61 -13.57 40.22
O3' CPR C . -21.19 -14.35 39.22
C2' CPR C . -19.47 -14.21 40.97
O2' CPR C . -18.54 -14.86 40.09
C1' CPR C . -18.81 -13.05 41.75
N9 CPR C . -18.98 -12.98 43.25
C8 CPR C . -20.14 -13.05 43.94
N7 CPR C . -19.99 -12.89 45.25
C5 CPR C . -18.68 -12.82 45.39
C6 CPR C . -18.07 -12.73 46.67
N1 CPR C . -16.74 -12.47 46.54
C2 CPR C . -16.03 -12.28 45.40
N3 CPR C . -16.68 -12.51 44.22
C4 CPR C . -18.02 -12.75 44.17
PA SAE D . -15.16 -23.44 46.67
O1A SAE D . -16.45 -23.26 47.37
O2A SAE D . -15.09 -24.33 45.49
O5B SAE D . -14.06 -23.90 47.74
C5B SAE D . -12.66 -23.97 47.40
C4B SAE D . -11.91 -24.55 48.57
O4B SAE D . -12.75 -25.75 48.65
C3B SAE D . -10.53 -24.86 48.05
O3B SAE D . -9.52 -24.43 49.00
C2B SAE D . -10.73 -26.32 47.57
O2B SAE D . -9.56 -27.16 47.42
C1B SAE D . -11.78 -26.86 48.55
N9A SAE D . -12.37 -28.19 48.14
C8A SAE D . -13.37 -28.39 47.23
N7A SAE D . -13.70 -29.69 47.11
C5A SAE D . -12.92 -30.30 48.01
C6A SAE D . -12.89 -31.69 48.33
N6A SAE D . -13.73 -32.57 47.80
N1A SAE D . -11.91 -32.10 49.19
C2A SAE D . -11.05 -31.24 49.79
N3A SAE D . -11.09 -29.92 49.50
C4A SAE D . -12.02 -29.41 48.62
O3 SAE D . -14.54 -22.01 46.29
PN SAE D . -13.64 -20.92 47.05
O1N SAE D . -12.31 -20.96 46.37
O2N SAE D . -13.67 -21.21 48.50
O5D SAE D . -14.61 -19.63 46.82
C5D SAE D . -15.79 -19.54 47.66
C4D SAE D . -17.15 -19.26 47.00
O4D SAE D . -17.21 -17.88 46.62
C3D SAE D . -17.32 -20.05 45.72
O3D SAE D . -17.89 -21.34 45.97
C2D SAE D . -18.35 -19.22 45.01
O2D SAE D . -19.66 -19.58 45.46
C1D SAE D . -17.99 -17.79 45.42
C2N SAE D . -17.10 -16.99 44.50
N3N SAE D . -17.09 -17.22 43.20
C4N SAE D . -16.19 -16.42 42.63
C5N SAE D . -15.55 -15.57 43.45
SE1N SAE D . -16.02 -15.76 45.08
C6N SAE D . -15.97 -16.50 41.12
O6N SAE D . -14.89 -16.24 40.62
N6N SAE D . -17.02 -16.88 40.41
P CPR E . 24.00 4.89 -14.38
O1P CPR E . 24.54 3.83 -13.52
O2P CPR E . 22.53 5.16 -14.30
O3P CPR E . 24.53 4.80 -15.73
O5' CPR E . 24.64 6.20 -13.75
C5' CPR E . 24.36 7.47 -14.33
C4' CPR E . 24.63 8.53 -13.30
O4' CPR E . 25.93 8.36 -12.75
C3' CPR E . 24.71 9.80 -14.07
O3' CPR E . 23.53 10.48 -14.42
C2' CPR E . 25.53 10.60 -13.10
O2' CPR E . 24.71 11.17 -12.10
C1' CPR E . 26.56 9.63 -12.53
N9 CPR E . 28.00 9.76 -13.01
C8 CPR E . 28.50 10.11 -14.22
N7 CPR E . 29.82 10.23 -14.27
C5 CPR E . 30.14 9.98 -13.02
C6 CPR E . 31.47 10.04 -12.56
N1 CPR E . 31.57 9.64 -11.25
C2 CPR E . 30.57 9.23 -10.45
N3 CPR E . 29.31 9.28 -10.94
C4 CPR E . 29.06 9.63 -12.23
PA SAE F . 31.16 20.50 -10.29
O1A SAE F . 31.67 20.28 -11.66
O2A SAE F . 29.94 21.33 -10.08
O5B SAE F . 32.36 21.09 -9.39
C5B SAE F . 32.22 21.23 -7.97
C4B SAE F . 33.46 21.91 -7.44
O4B SAE F . 33.33 23.07 -8.33
C3B SAE F . 33.14 22.28 -6.01
O3B SAE F . 34.25 21.96 -5.14
C2B SAE F . 32.53 23.69 -6.19
O2B SAE F . 32.52 24.58 -5.06
C1B SAE F . 33.31 24.22 -7.42
N9A SAE F . 32.72 25.49 -8.00
C8A SAE F . 31.66 25.57 -8.85
N7A SAE F . 31.40 26.84 -9.22
C5A SAE F . 32.37 27.55 -8.63
C6A SAE F . 32.59 28.96 -8.71
N6A SAE F . 31.89 29.76 -9.51
N1A SAE F . 33.57 29.46 -7.91
C2A SAE F . 34.36 28.71 -7.10
N3A SAE F . 34.14 27.36 -7.04
C4A SAE F . 33.17 26.75 -7.79
O3 SAE F . 30.97 19.09 -9.55
PN SAE F . 31.93 18.11 -8.72
O1N SAE F . 31.46 18.18 -7.31
O2N SAE F . 33.35 18.47 -9.00
O5D SAE F . 31.65 16.75 -9.58
C5D SAE F . 32.30 16.64 -10.87
C4D SAE F . 31.46 16.23 -12.09
O4D SAE F . 31.16 14.84 -12.03
C3D SAE F . 30.12 16.94 -12.10
O3D SAE F . 30.19 18.20 -12.78
C2D SAE F . 29.32 15.99 -12.97
O2D SAE F . 29.54 16.32 -14.36
C1D SAE F . 29.88 14.63 -12.60
C2N SAE F . 29.16 13.84 -11.54
N3N SAE F . 27.86 13.99 -11.33
C4N SAE F . 27.48 13.20 -10.33
C5N SAE F . 28.45 12.44 -9.77
SE1N SAE F . 29.97 12.71 -10.51
C6N SAE F . 26.03 13.22 -9.88
O6N SAE F . 25.71 12.99 -8.71
N6N SAE F . 25.14 13.49 -10.82
UNK UNX G . 40.35 17.53 -24.25
UNK UNX H . 42.16 20.92 -23.78
UNK UNX I . 42.96 23.50 -21.42
UNK UNX J . 44.42 26.68 -19.83
UNK UNX K . 41.01 27.57 -18.46
UNK UNX L . 38.74 25.38 -16.68
UNK UNX M . 40.45 25.42 -13.23
UNK UNX N . 43.47 27.79 -13.44
UNK UNX O . 46.53 26.36 -14.94
UNK UNX P . 44.81 23.17 -15.94
UNK UNX Q . 38.27 8.68 -19.74
UNK UNX R . 39.35 11.84 -18.00
UNK UNX S . 37.99 15.26 -16.97
UNK UNX T . 37.63 18.49 -15.97
UNK UNX U . 34.60 20.57 -16.39
#